data_7NXB
#
_entry.id   7NXB
#
_cell.length_a   54.703
_cell.length_b   122.815
_cell.length_c   212.264
_cell.angle_alpha   90.000
_cell.angle_beta   90.000
_cell.angle_gamma   90.000
#
_symmetry.space_group_name_H-M   'P 21 21 21'
#
loop_
_entity.id
_entity.type
_entity.pdbx_description
1 polymer 'EY6A Fab heavy chain'
2 polymer 'EY6A Fab light chain'
3 polymer 'Spike protein S1'
4 polymer 'COVOX-222 Fab heavy chain'
5 polymer 'COVOX-222 Fab light chain'
6 non-polymer 'SULFATE ION'
7 non-polymer GLYCEROL
8 non-polymer 2-acetamido-2-deoxy-beta-D-glucopyranose
9 non-polymer DI(HYDROXYETHYL)ETHER
10 water water
#
loop_
_entity_poly.entity_id
_entity_poly.type
_entity_poly.pdbx_seq_one_letter_code
_entity_poly.pdbx_strand_id
1 'polypeptide(L)'
;EVQLVESGGGVVQPGRSLRLSCAASAFTFSSYDMHWVRQAPGKGLEWVAVISYDGSNKYYADSVKGRFTISRDNSKNTLY
LQMNSLRAEDTAVYYCAKDGGKLWVYYFDYWGQGTLVTVSSASTKGPSVFPLAPSSKSTSGGTAALGCLVKDYFPEPVTV
SWNSGALTSGVHTFPAVLQSSGLYSLSSVVTVPSSSLGTQTYICNVNHKPSNTKVDKRVEPKSCDK
;
H
2 'polypeptide(L)'
;DIQMTQSPSSLSASVGDRVTITCRASQSISSYLNWYQQKPGKAPKLLIYAASSLQSGVPSRFSGSGSGTDFTLTISSLQP
EDFATYYCQQSYSTLALTFGGGTKVEIKRTVAAPSVFIFPPSDEQLKSGTASVVCLLNNFYPREAKVQWKVDNALQSGNS
QESVTEQDSKDSTYSLSSTLTLSKADYEKHKVYACEVTHQGLSSPVTKSFNRGEC
;
L
3 'polypeptide(L)'
;ETGHHHHHHTNLCPFGEVFNATRFASVYAWNRKRISNCVADYSVLYNSASFSTFKCYGVSPTKLNDLCFTNVYADSFVIR
GDEVRQIAPGQTGTIADYNYKLPDDFTGCVIAWNSNNLDSKVGGNYNYLYRLFRKSNLKPFERDISTEIYQAGSTPCNGV
KGFNCYFPLQSYGFQPTYGVGYQPYRVVVLSFELLHAPATVCGKK
;
E
4 'polypeptide(L)'
;EVQLVESGGGLIQPGGSLRLSCAASGLTVSSNYMSWVRQAPGKGLEWVSVIYSGGSTFYADSVKGRFTISRDNSKNTLYL
QMNSLGAEDTAVYYCARGEGSPGNWFDPWGQGTLVTVSSASTKGPSVFPLAPSSKSTSGGTAALGCLVKDYFPEPVTVSW
NSGALTSGVHTFPAVLQSSGLYSLSSVVTVPSSSLGTQTYICNVNHKPSNTKVDKKVEPKSCDK
;
A
5 'polypeptide(L)'
;DVVMTQSPGTLSLSPGERATLSCRASQSVPSSYLAWYQQKPGQAPRLLIYGASTRATGIPDRFSGSGSGTDFTLTISRLE
PEDFAVYYCQHYDTSPRFGGGTKVDIKRTVAAPSVFIFPPSDEQLKSGTASVVCLLNNFYPREAKVQWKVDNALQSGNSQ
ESVTEQDSKDSTYSLSSTLTLSKADYEKHKVYACEVTHQGLSSPVTKSFNRGEC
;
B
#
loop_
_chem_comp.id
_chem_comp.type
_chem_comp.name
_chem_comp.formula
GOL non-polymer GLYCEROL 'C3 H8 O3'
NAG D-saccharide, beta linking 2-acetamido-2-deoxy-beta-D-glucopyranose 'C8 H15 N O6'
PEG non-polymer DI(HYDROXYETHYL)ETHER 'C4 H10 O3'
SO4 non-polymer 'SULFATE ION' 'O4 S -2'
#
# COMPACT_ATOMS: atom_id res chain seq x y z
N VAL A 2 35.87 17.19 -24.64
CA VAL A 2 35.37 16.79 -23.33
C VAL A 2 35.02 15.30 -23.35
N GLN A 3 35.80 14.50 -22.63
CA GLN A 3 35.60 13.06 -22.57
C GLN A 3 35.74 12.57 -21.13
N LEU A 4 35.03 11.48 -20.84
CA LEU A 4 35.05 10.85 -19.52
C LEU A 4 35.24 9.35 -19.72
N VAL A 5 36.24 8.78 -19.06
CA VAL A 5 36.60 7.37 -19.24
C VAL A 5 36.53 6.69 -17.89
N GLU A 6 35.66 5.69 -17.77
CA GLU A 6 35.49 4.93 -16.55
C GLU A 6 36.30 3.64 -16.57
N SER A 7 36.44 3.04 -15.39
CA SER A 7 37.10 1.76 -15.22
C SER A 7 36.77 1.26 -13.81
N GLY A 8 37.26 0.07 -13.48
CA GLY A 8 37.11 -0.49 -12.16
C GLY A 8 35.95 -1.44 -11.99
N GLY A 9 34.99 -1.46 -12.92
CA GLY A 9 33.87 -2.36 -12.80
C GLY A 9 34.28 -3.82 -12.91
N GLY A 10 33.38 -4.68 -12.44
CA GLY A 10 33.64 -6.12 -12.49
C GLY A 10 32.63 -6.90 -11.68
N VAL A 11 33.06 -8.05 -11.18
CA VAL A 11 32.25 -8.95 -10.39
C VAL A 11 32.73 -8.92 -8.95
N VAL A 12 31.78 -8.87 -8.02
CA VAL A 12 32.10 -8.72 -6.60
C VAL A 12 31.05 -9.50 -5.80
N GLN A 13 31.51 -10.23 -4.79
CA GLN A 13 30.60 -10.99 -3.96
C GLN A 13 29.86 -10.06 -2.99
N PRO A 14 28.68 -10.47 -2.51
CA PRO A 14 27.91 -9.61 -1.62
C PRO A 14 28.67 -9.30 -0.33
N GLY A 15 28.63 -8.04 0.08
CA GLY A 15 29.33 -7.58 1.24
C GLY A 15 30.74 -7.09 0.99
N ARG A 16 31.37 -7.50 -0.11
CA ARG A 16 32.72 -7.07 -0.44
C ARG A 16 32.69 -5.64 -0.95
N SER A 17 33.82 -5.17 -1.45
CA SER A 17 33.96 -3.78 -1.89
C SER A 17 34.45 -3.73 -3.33
N LEU A 18 34.23 -2.57 -3.96
CA LEU A 18 34.69 -2.32 -5.32
C LEU A 18 34.84 -0.82 -5.51
N ARG A 19 35.89 -0.42 -6.24
CA ARG A 19 36.22 0.97 -6.46
C ARG A 19 36.20 1.27 -7.94
N LEU A 20 35.43 2.29 -8.33
CA LEU A 20 35.32 2.72 -9.71
C LEU A 20 36.07 4.04 -9.89
N SER A 21 36.59 4.24 -11.11
CA SER A 21 37.31 5.46 -11.45
C SER A 21 36.70 6.08 -12.70
N CYS A 22 36.99 7.36 -12.91
CA CYS A 22 36.47 8.09 -14.06
C CYS A 22 37.34 9.31 -14.30
N ALA A 23 38.08 9.32 -15.40
CA ALA A 23 39.04 10.37 -15.70
C ALA A 23 38.44 11.35 -16.70
N ALA A 24 38.58 12.64 -16.41
CA ALA A 24 38.05 13.71 -17.25
C ALA A 24 39.14 14.31 -18.14
N SER A 25 38.71 15.13 -19.09
CA SER A 25 39.64 15.74 -20.03
C SER A 25 38.95 16.93 -20.71
N ALA A 26 39.78 17.88 -21.14
CA ALA A 26 39.38 18.97 -22.04
C ALA A 26 38.39 19.94 -21.40
N PHE A 27 38.45 20.11 -20.08
CA PHE A 27 37.68 21.17 -19.42
C PHE A 27 38.25 21.39 -18.03
N THR A 28 37.87 22.52 -17.43
CA THR A 28 38.32 22.87 -16.09
C THR A 28 37.67 21.93 -15.07
N PHE A 29 38.30 20.78 -14.83
CA PHE A 29 37.72 19.78 -13.95
C PHE A 29 37.65 20.26 -12.50
N SER A 30 38.54 21.16 -12.10
CA SER A 30 38.63 21.60 -10.71
C SER A 30 37.55 22.61 -10.32
N SER A 31 36.60 22.90 -11.21
CA SER A 31 35.53 23.84 -10.90
C SER A 31 34.13 23.31 -11.20
N TYR A 32 34.01 22.06 -11.64
CA TYR A 32 32.72 21.46 -11.96
C TYR A 32 32.40 20.35 -10.97
N ASP A 33 31.13 20.24 -10.61
CA ASP A 33 30.66 19.14 -9.79
C ASP A 33 30.58 17.86 -10.62
N MET A 34 30.72 16.72 -9.94
CA MET A 34 30.69 15.43 -10.60
C MET A 34 29.68 14.52 -9.93
N HIS A 35 29.01 13.70 -10.75
CA HIS A 35 27.95 12.82 -10.29
C HIS A 35 28.29 11.37 -10.60
N TRP A 36 27.48 10.48 -10.04
CA TRP A 36 27.45 9.08 -10.41
C TRP A 36 26.00 8.66 -10.57
N VAL A 37 25.69 7.99 -11.68
CA VAL A 37 24.34 7.55 -12.00
C VAL A 37 24.42 6.11 -12.47
N ARG A 38 23.56 5.24 -11.93
CA ARG A 38 23.52 3.84 -12.30
C ARG A 38 22.20 3.50 -12.99
N GLN A 39 22.17 2.30 -13.57
CA GLN A 39 21.00 1.82 -14.29
C GLN A 39 21.03 0.29 -14.26
N ALA A 40 20.09 -0.32 -13.54
CA ALA A 40 20.02 -1.77 -13.49
C ALA A 40 19.71 -2.34 -14.87
N PRO A 41 20.14 -3.57 -15.14
CA PRO A 41 19.87 -4.17 -16.45
C PRO A 41 18.38 -4.24 -16.75
N GLY A 42 17.97 -3.54 -17.81
CA GLY A 42 16.57 -3.49 -18.20
C GLY A 42 15.72 -2.55 -17.39
N LYS A 43 16.32 -1.67 -16.59
CA LYS A 43 15.60 -0.74 -15.75
C LYS A 43 15.93 0.70 -16.18
N GLY A 44 15.46 1.66 -15.39
CA GLY A 44 15.70 3.06 -15.65
C GLY A 44 16.96 3.58 -14.96
N LEU A 45 17.14 4.89 -15.05
CA LEU A 45 18.30 5.54 -14.46
C LEU A 45 18.01 5.94 -13.02
N GLU A 46 19.08 5.97 -12.21
CA GLU A 46 18.98 6.33 -10.80
C GLU A 46 20.19 7.16 -10.42
N TRP A 47 19.96 8.40 -10.00
CA TRP A 47 21.05 9.24 -9.51
C TRP A 47 21.59 8.67 -8.19
N VAL A 48 22.91 8.60 -8.08
CA VAL A 48 23.55 7.93 -6.94
C VAL A 48 24.18 8.95 -6.00
N ALA A 49 25.22 9.65 -6.45
CA ALA A 49 25.98 10.53 -5.58
C ALA A 49 26.43 11.76 -6.35
N VAL A 50 27.07 12.69 -5.62
CA VAL A 50 27.57 13.93 -6.20
C VAL A 50 28.66 14.44 -5.28
N ILE A 51 29.65 15.12 -5.88
CA ILE A 51 30.75 15.72 -5.12
C ILE A 51 30.98 17.14 -5.63
N SER A 52 31.44 18.00 -4.74
CA SER A 52 31.65 19.41 -5.06
C SER A 52 32.89 19.58 -5.94
N TYR A 53 33.13 20.83 -6.34
CA TYR A 53 34.27 21.12 -7.21
C TYR A 53 35.59 20.93 -6.48
N ASP A 54 35.64 21.30 -5.19
CA ASP A 54 36.82 21.12 -4.37
C ASP A 54 36.84 19.80 -3.61
N GLY A 55 35.74 19.04 -3.64
CA GLY A 55 35.69 17.75 -2.99
C GLY A 55 35.32 17.76 -1.53
N SER A 56 34.92 18.92 -0.98
CA SER A 56 34.63 19.00 0.44
C SER A 56 33.21 18.54 0.75
N ASN A 57 32.27 18.81 -0.15
CA ASN A 57 30.86 18.46 0.06
C ASN A 57 30.52 17.22 -0.74
N LYS A 58 29.86 16.26 -0.09
CA LYS A 58 29.46 15.01 -0.72
C LYS A 58 28.01 14.71 -0.33
N TYR A 59 27.18 14.40 -1.31
CA TYR A 59 25.77 14.11 -1.10
C TYR A 59 25.39 12.84 -1.84
N TYR A 60 24.73 11.92 -1.14
CA TYR A 60 24.40 10.61 -1.68
C TYR A 60 22.89 10.41 -1.69
N ALA A 61 22.45 9.44 -2.49
CA ALA A 61 21.05 9.02 -2.48
C ALA A 61 20.77 8.17 -1.25
N ASP A 62 19.49 8.05 -0.91
CA ASP A 62 19.10 7.31 0.28
C ASP A 62 19.29 5.81 0.13
N SER A 63 19.45 5.31 -1.10
CA SER A 63 19.64 3.90 -1.35
C SER A 63 21.09 3.45 -1.21
N VAL A 64 22.04 4.38 -1.16
CA VAL A 64 23.46 4.03 -1.08
C VAL A 64 24.13 4.83 0.01
N LYS A 65 23.35 5.56 0.81
CA LYS A 65 23.91 6.38 1.87
C LYS A 65 24.50 5.51 2.98
N GLY A 66 25.66 5.89 3.47
CA GLY A 66 26.31 5.15 4.53
C GLY A 66 26.87 3.85 4.00
N ARG A 67 26.91 3.74 2.68
CA ARG A 67 27.34 2.54 1.98
C ARG A 67 28.26 2.80 0.79
N PHE A 68 28.08 3.89 0.04
CA PHE A 68 29.03 4.27 -1.01
C PHE A 68 29.79 5.52 -0.59
N THR A 69 30.91 5.78 -1.27
CA THR A 69 31.73 6.95 -0.99
C THR A 69 32.30 7.51 -2.28
N ILE A 70 32.19 8.82 -2.44
CA ILE A 70 32.62 9.52 -3.66
C ILE A 70 33.82 10.40 -3.32
N SER A 71 34.76 10.50 -4.25
CA SER A 71 35.97 11.29 -4.03
C SER A 71 36.57 11.67 -5.38
N ARG A 72 37.55 12.57 -5.34
CA ARG A 72 38.14 13.08 -6.56
C ARG A 72 39.53 13.62 -6.26
N ASP A 73 40.30 13.84 -7.32
CA ASP A 73 41.65 14.38 -7.24
C ASP A 73 41.79 15.44 -8.33
N ASN A 74 41.81 16.71 -7.92
CA ASN A 74 41.81 17.81 -8.87
C ASN A 74 43.16 17.98 -9.56
N SER A 75 44.26 17.65 -8.89
CA SER A 75 45.56 17.78 -9.53
C SER A 75 45.76 16.76 -10.64
N LYS A 76 44.95 15.70 -10.69
CA LYS A 76 45.02 14.68 -11.72
C LYS A 76 43.81 14.67 -12.63
N ASN A 77 42.75 15.43 -12.31
CA ASN A 77 41.52 15.49 -13.09
C ASN A 77 40.89 14.10 -13.22
N THR A 78 40.59 13.51 -12.06
CA THR A 78 39.97 12.19 -12.01
C THR A 78 38.92 12.17 -10.90
N LEU A 79 38.05 11.15 -10.98
CA LEU A 79 36.94 10.98 -10.05
C LEU A 79 36.83 9.50 -9.69
N TYR A 80 36.39 9.24 -8.46
CA TYR A 80 36.28 7.88 -7.94
C TYR A 80 34.94 7.69 -7.28
N LEU A 81 34.63 6.42 -7.00
CA LEU A 81 33.42 6.03 -6.27
C LEU A 81 33.71 4.73 -5.54
N GLN A 82 33.80 4.79 -4.21
CA GLN A 82 34.06 3.61 -3.40
C GLN A 82 32.74 2.96 -3.02
N MET A 83 32.58 1.69 -3.40
CA MET A 83 31.35 0.94 -3.14
C MET A 83 31.66 -0.20 -2.17
N ASN A 84 31.23 -0.03 -0.93
CA ASN A 84 31.45 -1.01 0.12
C ASN A 84 30.13 -1.67 0.50
N SER A 85 30.22 -2.91 1.00
CA SER A 85 29.06 -3.70 1.40
C SER A 85 28.02 -3.74 0.29
N LEU A 86 28.42 -4.30 -0.84
CA LEU A 86 27.58 -4.31 -2.04
C LEU A 86 26.52 -5.39 -1.94
N ARG A 87 25.30 -5.04 -2.35
CA ARG A 87 24.17 -5.95 -2.39
C ARG A 87 23.85 -6.30 -3.83
N ALA A 88 22.94 -7.28 -3.99
CA ALA A 88 22.51 -7.71 -5.32
C ALA A 88 21.75 -6.63 -6.07
N GLU A 89 21.11 -5.70 -5.36
CA GLU A 89 20.37 -4.64 -6.03
C GLU A 89 21.28 -3.61 -6.67
N ASP A 90 22.53 -3.50 -6.19
CA ASP A 90 23.47 -2.54 -6.77
C ASP A 90 23.93 -2.94 -8.16
N THR A 91 23.64 -4.17 -8.60
CA THR A 91 24.02 -4.64 -9.92
C THR A 91 23.47 -3.73 -11.01
N ALA A 92 24.33 -2.94 -11.63
CA ALA A 92 23.91 -1.93 -12.59
C ALA A 92 25.13 -1.47 -13.37
N VAL A 93 24.88 -0.66 -14.40
CA VAL A 93 25.95 0.01 -15.15
C VAL A 93 26.12 1.40 -14.55
N TYR A 94 27.30 1.69 -14.04
CA TYR A 94 27.59 2.94 -13.35
C TYR A 94 28.24 3.93 -14.31
N TYR A 95 27.65 5.11 -14.41
CA TYR A 95 28.17 6.20 -15.21
C TYR A 95 28.63 7.35 -14.32
N CYS A 96 29.66 8.07 -14.78
CA CYS A 96 30.00 9.35 -14.20
C CYS A 96 29.53 10.46 -15.13
N ALA A 97 29.11 11.58 -14.54
CA ALA A 97 28.51 12.66 -15.31
C ALA A 97 29.06 14.00 -14.86
N LYS A 98 29.52 14.78 -15.83
CA LYS A 98 29.90 16.16 -15.56
C LYS A 98 28.65 17.00 -15.37
N ASP A 99 28.71 17.92 -14.40
CA ASP A 99 27.58 18.78 -14.11
C ASP A 99 27.65 20.03 -14.98
N GLY A 100 26.58 20.28 -15.74
CA GLY A 100 26.50 21.52 -16.49
C GLY A 100 26.34 22.70 -15.56
N GLY A 101 27.11 23.75 -15.79
CA GLY A 101 27.10 24.89 -14.88
C GLY A 101 26.22 26.03 -15.33
N LYS A 102 25.31 25.77 -16.27
CA LYS A 102 24.45 26.81 -16.81
C LYS A 102 23.18 27.02 -16.01
N LEU A 103 23.01 26.32 -14.89
CA LEU A 103 21.83 26.45 -14.06
C LEU A 103 22.22 26.42 -12.60
N TRP A 104 21.31 26.90 -11.74
CA TRP A 104 21.47 26.79 -10.30
C TRP A 104 21.31 25.36 -9.81
N VAL A 105 20.82 24.45 -10.65
CA VAL A 105 20.50 23.09 -10.25
C VAL A 105 21.44 22.12 -10.97
N TYR A 106 21.36 20.85 -10.60
CA TYR A 106 22.18 19.81 -11.18
C TYR A 106 21.55 19.27 -12.46
N TYR A 107 22.37 19.11 -13.49
CA TYR A 107 21.96 18.41 -14.70
C TYR A 107 23.20 17.88 -15.40
N PHE A 108 23.08 16.68 -15.98
CA PHE A 108 24.22 15.95 -16.52
C PHE A 108 24.34 16.27 -18.01
N ASP A 109 25.28 17.15 -18.35
CA ASP A 109 25.47 17.54 -19.73
C ASP A 109 26.44 16.65 -20.48
N TYR A 110 27.29 15.90 -19.76
CA TYR A 110 28.22 14.96 -20.38
C TYR A 110 28.33 13.73 -19.50
N TRP A 111 28.15 12.57 -20.11
CA TRP A 111 28.23 11.28 -19.43
C TRP A 111 29.48 10.53 -19.89
N GLY A 112 29.77 9.44 -19.18
CA GLY A 112 30.81 8.52 -19.59
C GLY A 112 30.21 7.23 -20.11
N GLN A 113 31.01 6.42 -20.81
CA GLN A 113 30.47 5.22 -21.44
C GLN A 113 29.95 4.21 -20.43
N GLY A 114 30.39 4.29 -19.18
CA GLY A 114 29.88 3.43 -18.13
C GLY A 114 30.59 2.09 -18.06
N THR A 115 30.55 1.50 -16.86
CA THR A 115 31.17 0.20 -16.62
C THR A 115 30.21 -0.65 -15.79
N LEU A 116 30.13 -1.94 -16.13
CA LEU A 116 29.14 -2.82 -15.52
C LEU A 116 29.69 -3.38 -14.22
N VAL A 117 28.84 -3.37 -13.18
CA VAL A 117 29.17 -3.91 -11.86
C VAL A 117 28.12 -4.96 -11.52
N THR A 118 28.52 -6.22 -11.47
CA THR A 118 27.61 -7.31 -11.13
C THR A 118 27.98 -7.86 -9.76
N VAL A 119 26.99 -7.94 -8.88
CA VAL A 119 27.19 -8.31 -7.48
C VAL A 119 26.44 -9.60 -7.20
N SER A 120 27.17 -10.65 -6.85
CA SER A 120 26.64 -11.93 -6.39
C SER A 120 27.82 -12.85 -6.09
N SER A 121 27.57 -13.85 -5.27
CA SER A 121 28.57 -14.84 -4.89
C SER A 121 28.56 -16.06 -5.80
N ALA A 122 27.74 -16.06 -6.84
CA ALA A 122 27.66 -17.21 -7.74
C ALA A 122 28.96 -17.37 -8.51
N SER A 123 29.41 -18.62 -8.64
CA SER A 123 30.64 -18.91 -9.37
C SER A 123 30.47 -18.64 -10.86
N THR A 124 31.59 -18.40 -11.53
CA THR A 124 31.61 -18.14 -12.96
C THR A 124 31.63 -19.47 -13.69
N LYS A 125 30.46 -19.91 -14.16
CA LYS A 125 30.30 -21.20 -14.80
C LYS A 125 30.33 -21.05 -16.32
N GLY A 126 30.02 -22.13 -17.03
CA GLY A 126 30.01 -22.12 -18.47
C GLY A 126 28.66 -22.50 -19.06
N PRO A 127 28.52 -22.34 -20.36
CA PRO A 127 27.24 -22.64 -21.02
C PRO A 127 27.10 -24.11 -21.38
N SER A 128 25.84 -24.50 -21.58
CA SER A 128 25.49 -25.85 -22.03
C SER A 128 24.70 -25.70 -23.33
N VAL A 129 25.36 -25.95 -24.46
CA VAL A 129 24.76 -25.75 -25.77
C VAL A 129 23.88 -26.95 -26.11
N PHE A 130 22.62 -26.68 -26.43
CA PHE A 130 21.66 -27.71 -26.83
C PHE A 130 21.13 -27.37 -28.22
N PRO A 131 21.31 -28.24 -29.22
CA PRO A 131 20.83 -27.92 -30.56
C PRO A 131 19.31 -27.90 -30.62
N LEU A 132 18.80 -27.02 -31.49
CA LEU A 132 17.36 -26.85 -31.69
C LEU A 132 17.04 -27.30 -33.11
N ALA A 133 16.78 -28.60 -33.27
CA ALA A 133 16.54 -29.19 -34.59
C ALA A 133 15.09 -28.98 -35.02
N PRO A 134 14.84 -28.68 -36.29
CA PRO A 134 13.48 -28.48 -36.77
C PRO A 134 12.75 -29.80 -37.01
N SER A 135 11.43 -29.72 -37.00
CA SER A 135 10.58 -30.89 -37.23
C SER A 135 9.78 -30.74 -38.53
N GLY A 142 8.32 -21.47 -46.13
CA GLY A 142 8.42 -22.58 -45.21
C GLY A 142 9.85 -23.03 -44.97
N THR A 143 10.60 -22.20 -44.25
CA THR A 143 12.00 -22.50 -43.94
C THR A 143 12.08 -23.23 -42.61
N ALA A 144 13.30 -23.46 -42.14
CA ALA A 144 13.55 -24.13 -40.88
C ALA A 144 14.38 -23.22 -39.97
N ALA A 145 14.68 -23.71 -38.78
CA ALA A 145 15.44 -22.93 -37.80
C ALA A 145 16.29 -23.86 -36.96
N LEU A 146 17.48 -23.38 -36.61
CA LEU A 146 18.38 -24.12 -35.73
C LEU A 146 19.14 -23.13 -34.87
N GLY A 147 19.35 -23.49 -33.61
CA GLY A 147 20.03 -22.59 -32.68
C GLY A 147 20.81 -23.27 -31.58
N CYS A 148 21.35 -22.47 -30.66
CA CYS A 148 22.10 -22.97 -29.52
C CYS A 148 21.55 -22.35 -28.24
N LEU A 149 21.82 -23.01 -27.12
CA LEU A 149 21.35 -22.59 -25.82
C LEU A 149 22.53 -22.27 -24.92
N VAL A 150 22.46 -21.14 -24.22
CA VAL A 150 23.49 -20.71 -23.28
C VAL A 150 22.84 -20.75 -21.90
N LYS A 151 23.02 -21.85 -21.19
CA LYS A 151 22.32 -22.09 -19.94
C LYS A 151 23.30 -22.32 -18.79
N ASP A 152 22.86 -21.94 -17.59
CA ASP A 152 23.60 -22.17 -16.34
C ASP A 152 24.98 -21.50 -16.37
N TYR A 153 24.96 -20.18 -16.50
CA TYR A 153 26.17 -19.39 -16.46
C TYR A 153 25.93 -18.15 -15.61
N PHE A 154 27.03 -17.60 -15.09
CA PHE A 154 26.95 -16.40 -14.27
C PHE A 154 28.29 -15.67 -14.31
N PRO A 155 28.30 -14.34 -14.47
CA PRO A 155 27.11 -13.54 -14.72
C PRO A 155 26.94 -13.15 -16.18
N GLU A 156 26.33 -12.00 -16.42
CA GLU A 156 26.23 -11.46 -17.77
C GLU A 156 27.58 -10.90 -18.21
N PRO A 157 27.84 -10.85 -19.53
CA PRO A 157 27.00 -11.39 -20.61
C PRO A 157 27.64 -12.59 -21.31
N VAL A 158 27.05 -12.98 -22.44
CA VAL A 158 27.61 -14.00 -23.32
C VAL A 158 27.45 -13.54 -24.75
N THR A 159 28.47 -13.79 -25.58
CA THR A 159 28.45 -13.41 -26.98
C THR A 159 28.32 -14.65 -27.84
N VAL A 160 27.39 -14.63 -28.78
CA VAL A 160 27.10 -15.77 -29.65
C VAL A 160 27.15 -15.32 -31.09
N SER A 161 27.86 -16.09 -31.93
CA SER A 161 27.90 -15.85 -33.36
C SER A 161 27.80 -17.20 -34.07
N TRP A 162 27.64 -17.15 -35.40
CA TRP A 162 27.47 -18.35 -36.21
C TRP A 162 28.52 -18.39 -37.30
N ASN A 163 29.17 -19.54 -37.46
CA ASN A 163 30.18 -19.76 -38.49
C ASN A 163 31.31 -18.74 -38.39
N SER A 164 31.70 -18.42 -37.15
CA SER A 164 32.78 -17.47 -36.86
C SER A 164 32.52 -16.10 -37.50
N GLY A 165 31.26 -15.71 -37.61
CA GLY A 165 30.90 -14.43 -38.16
C GLY A 165 30.57 -14.43 -39.65
N ALA A 166 30.39 -15.61 -40.26
CA ALA A 166 30.09 -15.69 -41.67
C ALA A 166 28.59 -15.73 -41.96
N LEU A 167 27.79 -16.24 -41.02
CA LEU A 167 26.34 -16.32 -41.17
C LEU A 167 25.72 -15.14 -40.43
N THR A 168 25.36 -14.09 -41.18
CA THR A 168 24.82 -12.86 -40.61
C THR A 168 23.32 -12.73 -40.78
N SER A 169 22.82 -12.93 -42.00
CA SER A 169 21.39 -12.75 -42.26
C SER A 169 20.58 -13.90 -41.67
N GLY A 170 19.46 -13.57 -41.04
CA GLY A 170 18.57 -14.56 -40.48
C GLY A 170 18.90 -15.00 -39.07
N VAL A 171 19.83 -14.33 -38.39
CA VAL A 171 20.25 -14.71 -37.05
C VAL A 171 19.48 -13.85 -36.04
N HIS A 172 19.17 -14.45 -34.89
CA HIS A 172 18.48 -13.76 -33.81
C HIS A 172 19.01 -14.27 -32.49
N THR A 173 19.71 -13.43 -31.75
CA THR A 173 20.21 -13.75 -30.41
C THR A 173 19.34 -13.03 -29.38
N PHE A 174 18.78 -13.79 -28.46
CA PHE A 174 17.83 -13.29 -27.48
C PHE A 174 18.50 -12.93 -26.17
N PRO A 175 17.88 -12.08 -25.36
CA PRO A 175 18.44 -11.75 -24.04
C PRO A 175 18.38 -12.95 -23.11
N ALA A 176 19.05 -12.82 -21.97
CA ALA A 176 19.06 -13.85 -20.96
C ALA A 176 17.99 -13.58 -19.91
N VAL A 177 17.62 -14.64 -19.19
CA VAL A 177 16.66 -14.55 -18.09
C VAL A 177 17.27 -15.25 -16.88
N LEU A 178 17.21 -14.58 -15.73
CA LEU A 178 17.74 -15.14 -14.48
C LEU A 178 16.74 -16.16 -13.97
N GLN A 179 17.04 -17.44 -14.17
CA GLN A 179 16.16 -18.49 -13.71
C GLN A 179 16.21 -18.61 -12.18
N SER A 180 15.31 -19.45 -11.64
CA SER A 180 15.10 -19.54 -10.20
C SER A 180 16.39 -19.83 -9.43
N SER A 181 17.31 -20.58 -10.04
CA SER A 181 18.55 -20.94 -9.35
C SER A 181 19.36 -19.69 -9.01
N GLY A 182 19.53 -18.81 -9.99
CA GLY A 182 20.39 -17.64 -9.83
C GLY A 182 21.27 -17.45 -11.04
N LEU A 183 21.52 -18.55 -11.76
CA LEU A 183 22.26 -18.50 -13.00
C LEU A 183 21.36 -17.98 -14.13
N TYR A 184 21.98 -17.66 -15.26
CA TYR A 184 21.28 -17.10 -16.41
C TYR A 184 21.13 -18.14 -17.50
N SER A 185 20.09 -17.97 -18.32
CA SER A 185 19.82 -18.83 -19.46
C SER A 185 19.55 -17.95 -20.67
N LEU A 186 20.26 -18.20 -21.76
CA LEU A 186 20.17 -17.38 -22.96
C LEU A 186 19.95 -18.27 -24.18
N SER A 187 19.12 -17.80 -25.12
CA SER A 187 18.81 -18.52 -26.33
C SER A 187 19.25 -17.72 -27.55
N SER A 188 19.67 -18.44 -28.59
CA SER A 188 20.11 -17.81 -29.83
C SER A 188 19.84 -18.78 -30.99
N VAL A 189 19.12 -18.30 -32.00
CA VAL A 189 18.69 -19.12 -33.11
C VAL A 189 19.02 -18.42 -34.43
N VAL A 190 18.91 -19.19 -35.52
CA VAL A 190 19.08 -18.67 -36.87
C VAL A 190 18.27 -19.55 -37.82
N THR A 191 17.50 -18.92 -38.70
CA THR A 191 16.68 -19.64 -39.67
C THR A 191 17.44 -19.80 -40.98
N VAL A 192 17.55 -21.03 -41.45
CA VAL A 192 18.28 -21.33 -42.69
C VAL A 192 17.35 -22.10 -43.63
N PRO A 193 17.57 -22.04 -44.94
CA PRO A 193 16.73 -22.83 -45.86
C PRO A 193 16.90 -24.32 -45.61
N SER A 194 15.80 -25.06 -45.81
CA SER A 194 15.81 -26.49 -45.55
C SER A 194 16.59 -27.29 -46.58
N SER A 195 17.02 -26.67 -47.67
CA SER A 195 17.76 -27.40 -48.70
C SER A 195 19.20 -27.66 -48.27
N SER A 196 19.88 -26.64 -47.75
CA SER A 196 21.27 -26.75 -47.34
C SER A 196 21.35 -27.05 -45.84
N LEU A 197 20.95 -28.27 -45.50
CA LEU A 197 21.00 -28.78 -44.13
C LEU A 197 22.12 -29.78 -43.90
N GLY A 198 22.39 -30.65 -44.88
CA GLY A 198 23.49 -31.58 -44.82
C GLY A 198 24.73 -31.15 -45.56
N THR A 199 24.66 -30.03 -46.29
CA THR A 199 25.80 -29.51 -47.04
C THR A 199 26.50 -28.35 -46.33
N GLN A 200 25.75 -27.45 -45.71
CA GLN A 200 26.32 -26.32 -44.99
C GLN A 200 26.49 -26.66 -43.52
N THR A 201 27.65 -26.30 -42.97
CA THR A 201 27.97 -26.57 -41.58
C THR A 201 27.64 -25.36 -40.72
N TYR A 202 27.03 -25.61 -39.55
CA TYR A 202 26.63 -24.57 -38.63
C TYR A 202 27.26 -24.83 -37.28
N ILE A 203 28.03 -23.85 -36.79
CA ILE A 203 28.70 -23.94 -35.50
C ILE A 203 28.52 -22.61 -34.78
N CYS A 204 27.96 -22.64 -33.58
CA CYS A 204 27.75 -21.44 -32.79
C CYS A 204 28.94 -21.19 -31.88
N ASN A 205 29.32 -19.92 -31.74
CA ASN A 205 30.51 -19.52 -30.99
C ASN A 205 30.05 -18.81 -29.72
N VAL A 206 30.03 -19.54 -28.61
CA VAL A 206 29.65 -19.01 -27.31
C VAL A 206 30.91 -18.66 -26.54
N ASN A 207 30.98 -17.44 -26.03
CA ASN A 207 32.12 -16.96 -25.26
C ASN A 207 31.62 -16.39 -23.94
N HIS A 208 32.23 -16.83 -22.83
CA HIS A 208 31.90 -16.36 -21.50
C HIS A 208 33.16 -15.74 -20.91
N LYS A 209 33.31 -14.43 -21.11
CA LYS A 209 34.47 -13.72 -20.57
C LYS A 209 34.56 -13.78 -19.04
N PRO A 210 33.47 -13.68 -18.26
CA PRO A 210 33.61 -13.81 -16.80
C PRO A 210 34.26 -15.11 -16.36
N SER A 211 34.03 -16.21 -17.08
CA SER A 211 34.62 -17.50 -16.74
C SER A 211 35.74 -17.91 -17.68
N ASN A 212 36.04 -17.11 -18.70
CA ASN A 212 37.08 -17.42 -19.68
C ASN A 212 36.82 -18.78 -20.33
N THR A 213 35.61 -18.94 -20.86
CA THR A 213 35.18 -20.19 -21.48
C THR A 213 34.65 -19.91 -22.87
N LYS A 214 35.20 -20.62 -23.86
CA LYS A 214 34.78 -20.52 -25.25
C LYS A 214 34.44 -21.92 -25.74
N VAL A 215 33.19 -22.12 -26.14
CA VAL A 215 32.69 -23.44 -26.53
C VAL A 215 32.08 -23.35 -27.92
N ASP A 216 32.53 -24.23 -28.81
CA ASP A 216 31.94 -24.40 -30.14
C ASP A 216 31.26 -25.76 -30.21
N LYS A 217 30.03 -25.78 -30.70
CA LYS A 217 29.25 -27.01 -30.76
C LYS A 217 28.55 -27.11 -32.11
N ARG A 218 28.54 -28.32 -32.68
CA ARG A 218 27.89 -28.55 -33.95
C ARG A 218 26.39 -28.77 -33.75
N VAL A 219 25.61 -28.27 -34.69
CA VAL A 219 24.15 -28.39 -34.65
C VAL A 219 23.70 -29.10 -35.92
N GLU A 220 23.29 -30.35 -35.78
CA GLU A 220 22.84 -31.17 -36.89
C GLU A 220 21.55 -31.87 -36.53
N PRO A 221 20.65 -32.07 -37.51
CA PRO A 221 19.37 -32.75 -37.26
C PRO A 221 19.54 -34.24 -36.95
N ASP B 1 8.98 12.12 -2.09
CA ASP B 1 9.85 12.14 -3.26
C ASP B 1 9.05 12.48 -4.52
N ILE B 2 9.69 13.22 -5.43
CA ILE B 2 9.03 13.70 -6.65
C ILE B 2 9.10 12.60 -7.70
N GLN B 3 7.93 12.12 -8.12
CA GLN B 3 7.84 11.09 -9.14
C GLN B 3 7.56 11.71 -10.50
N MET B 4 8.30 11.28 -11.51
CA MET B 4 8.13 11.74 -12.88
C MET B 4 7.43 10.65 -13.69
N THR B 5 6.29 11.00 -14.27
CA THR B 5 5.47 10.08 -15.06
C THR B 5 5.55 10.46 -16.52
N GLN B 6 6.01 9.54 -17.36
CA GLN B 6 6.06 9.75 -18.79
C GLN B 6 4.94 8.99 -19.48
N SER B 7 4.49 9.53 -20.61
CA SER B 7 3.45 8.92 -21.39
C SER B 7 3.68 9.31 -22.84
N PRO B 8 3.67 8.34 -23.77
CA PRO B 8 3.46 6.93 -23.48
C PRO B 8 4.75 6.21 -23.10
N SER B 9 4.63 4.94 -22.67
CA SER B 9 5.82 4.15 -22.38
C SER B 9 6.55 3.73 -23.65
N SER B 10 5.87 3.78 -24.80
CA SER B 10 6.45 3.37 -26.08
C SER B 10 5.59 3.95 -27.20
N LEU B 11 6.24 4.23 -28.33
CA LEU B 11 5.52 4.73 -29.50
C LEU B 11 6.22 4.25 -30.76
N SER B 12 5.45 4.16 -31.84
CA SER B 12 5.95 3.74 -33.15
C SER B 12 5.73 4.88 -34.15
N ALA B 13 6.83 5.41 -34.68
CA ALA B 13 6.77 6.51 -35.63
C ALA B 13 7.78 6.27 -36.73
N SER B 14 7.51 6.84 -37.90
CA SER B 14 8.37 6.70 -39.06
C SER B 14 9.21 7.96 -39.26
N VAL B 15 10.16 7.86 -40.18
CA VAL B 15 11.08 8.98 -40.42
C VAL B 15 10.31 10.17 -40.97
N GLY B 16 10.54 11.34 -40.37
CA GLY B 16 9.89 12.56 -40.78
C GLY B 16 8.68 12.94 -39.95
N ASP B 17 8.11 12.01 -39.20
CA ASP B 17 6.92 12.31 -38.42
C ASP B 17 7.27 13.22 -37.25
N ARG B 18 6.23 13.79 -36.65
CA ARG B 18 6.36 14.68 -35.50
C ARG B 18 6.01 13.90 -34.23
N VAL B 19 6.95 13.85 -33.30
CA VAL B 19 6.80 13.09 -32.07
C VAL B 19 6.79 14.07 -30.90
N THR B 20 5.82 13.90 -30.00
CA THR B 20 5.72 14.71 -28.78
C THR B 20 5.57 13.76 -27.60
N ILE B 21 6.53 13.82 -26.67
CA ILE B 21 6.52 13.00 -25.46
C ILE B 21 6.10 13.86 -24.28
N THR B 22 5.27 13.30 -23.40
CA THR B 22 4.76 14.00 -22.24
C THR B 22 5.44 13.47 -20.98
N CYS B 23 5.70 14.37 -20.03
CA CYS B 23 6.38 14.04 -18.77
C CYS B 23 5.74 14.86 -17.65
N ARG B 24 5.00 14.19 -16.78
CA ARG B 24 4.30 14.86 -15.69
C ARG B 24 5.02 14.65 -14.36
N ALA B 25 4.88 15.62 -13.47
CA ALA B 25 5.56 15.63 -12.18
C ALA B 25 4.54 15.62 -11.06
N SER B 26 4.85 14.87 -9.99
CA SER B 26 3.93 14.75 -8.87
C SER B 26 3.73 16.07 -8.13
N GLN B 27 4.60 17.05 -8.37
CA GLN B 27 4.44 18.39 -7.81
C GLN B 27 5.18 19.36 -8.72
N SER B 28 4.94 20.65 -8.48
CA SER B 28 5.54 21.68 -9.30
C SER B 28 7.06 21.67 -9.17
N ILE B 29 7.74 21.43 -10.29
CA ILE B 29 9.19 21.47 -10.34
C ILE B 29 9.68 22.74 -11.04
N SER B 30 8.85 23.79 -11.04
CA SER B 30 9.16 25.05 -11.71
C SER B 30 9.47 24.82 -13.18
N SER B 31 10.73 25.06 -13.57
CA SER B 31 11.16 24.84 -14.94
C SER B 31 12.34 23.89 -15.03
N TYR B 32 12.74 23.26 -13.92
CA TYR B 32 13.94 22.43 -13.89
C TYR B 32 13.56 21.01 -14.33
N LEU B 33 13.51 20.82 -15.64
CA LEU B 33 13.16 19.53 -16.24
C LEU B 33 14.11 19.29 -17.42
N ASN B 34 14.90 18.24 -17.32
CA ASN B 34 15.88 17.90 -18.35
C ASN B 34 15.45 16.65 -19.11
N TRP B 35 15.79 16.63 -20.39
CA TRP B 35 15.50 15.50 -21.27
C TRP B 35 16.80 14.83 -21.69
N TYR B 36 16.78 13.49 -21.73
CA TYR B 36 17.95 12.72 -22.10
C TYR B 36 17.58 11.67 -23.16
N GLN B 37 18.57 11.31 -23.96
CA GLN B 37 18.43 10.26 -24.97
C GLN B 37 19.49 9.19 -24.71
N GLN B 38 19.06 7.93 -24.65
CA GLN B 38 19.97 6.82 -24.42
C GLN B 38 19.81 5.80 -25.53
N LYS B 39 20.87 5.58 -26.30
CA LYS B 39 20.89 4.52 -27.30
C LYS B 39 21.05 3.16 -26.62
N PRO B 40 20.53 2.10 -27.23
CA PRO B 40 20.70 0.75 -26.65
C PRO B 40 22.16 0.39 -26.54
N GLY B 41 22.61 0.19 -25.29
CA GLY B 41 24.00 -0.12 -25.02
C GLY B 41 24.91 1.07 -24.85
N LYS B 42 24.46 2.27 -25.17
CA LYS B 42 25.26 3.47 -25.03
C LYS B 42 24.82 4.27 -23.80
N ALA B 43 25.62 5.29 -23.47
CA ALA B 43 25.31 6.15 -22.35
C ALA B 43 24.28 7.20 -22.75
N PRO B 44 23.51 7.70 -21.79
CA PRO B 44 22.56 8.77 -22.09
C PRO B 44 23.28 10.04 -22.52
N LYS B 45 22.56 10.86 -23.30
CA LYS B 45 23.08 12.14 -23.77
C LYS B 45 22.04 13.22 -23.47
N LEU B 46 22.53 14.39 -23.08
CA LEU B 46 21.62 15.50 -22.77
C LEU B 46 21.06 16.10 -24.05
N LEU B 47 19.75 16.38 -24.05
CA LEU B 47 19.07 17.01 -25.17
C LEU B 47 18.55 18.40 -24.81
N ILE B 48 17.67 18.48 -23.82
CA ILE B 48 17.07 19.73 -23.37
C ILE B 48 17.30 19.85 -21.87
N TYR B 49 17.79 21.00 -21.43
CA TYR B 49 17.91 21.30 -20.01
C TYR B 49 17.06 22.51 -19.69
N ALA B 50 16.57 22.57 -18.45
CA ALA B 50 15.68 23.63 -17.97
C ALA B 50 14.44 23.77 -18.86
N ALA B 51 13.76 22.64 -19.08
CA ALA B 51 12.49 22.56 -19.79
C ALA B 51 12.59 22.86 -21.28
N SER B 52 13.29 23.92 -21.67
CA SER B 52 13.25 24.37 -23.06
C SER B 52 14.60 24.77 -23.64
N SER B 53 15.69 24.79 -22.87
CA SER B 53 16.98 25.22 -23.39
C SER B 53 17.66 24.07 -24.13
N LEU B 54 18.15 24.35 -25.34
CA LEU B 54 18.76 23.34 -26.19
C LEU B 54 20.25 23.23 -25.90
N GLN B 55 20.70 22.02 -25.59
CA GLN B 55 22.11 21.78 -25.31
C GLN B 55 22.94 21.96 -26.58
N SER B 56 24.20 22.37 -26.39
CA SER B 56 25.10 22.59 -27.52
C SER B 56 25.30 21.30 -28.31
N GLY B 57 25.27 21.42 -29.64
CA GLY B 57 25.45 20.29 -30.52
C GLY B 57 24.21 19.48 -30.80
N VAL B 58 23.18 19.61 -29.98
CA VAL B 58 21.94 18.84 -30.21
C VAL B 58 21.22 19.41 -31.42
N PRO B 59 20.69 18.56 -32.31
CA PRO B 59 20.06 19.07 -33.53
C PRO B 59 18.89 20.02 -33.25
N SER B 60 18.63 20.88 -34.23
CA SER B 60 17.56 21.86 -34.10
C SER B 60 16.18 21.22 -34.06
N ARG B 61 16.03 20.00 -34.57
CA ARG B 61 14.74 19.33 -34.56
C ARG B 61 14.26 19.00 -33.15
N PHE B 62 15.14 19.07 -32.15
CA PHE B 62 14.76 18.84 -30.77
C PHE B 62 14.35 20.16 -30.12
N SER B 63 13.26 20.11 -29.35
CA SER B 63 12.75 21.30 -28.67
C SER B 63 11.92 20.85 -27.47
N GLY B 64 12.02 21.61 -26.38
CA GLY B 64 11.25 21.31 -25.19
C GLY B 64 10.36 22.46 -24.76
N SER B 65 9.31 22.15 -24.00
CA SER B 65 8.44 23.17 -23.45
C SER B 65 7.73 22.60 -22.22
N GLY B 66 7.03 23.47 -21.51
CA GLY B 66 6.32 23.06 -20.32
C GLY B 66 6.76 23.80 -19.08
N SER B 67 5.92 23.77 -18.05
CA SER B 67 6.24 24.44 -16.79
C SER B 67 5.37 23.85 -15.70
N GLY B 68 5.89 23.87 -14.47
CA GLY B 68 5.13 23.39 -13.33
C GLY B 68 5.11 21.88 -13.23
N THR B 69 4.07 21.26 -13.80
CA THR B 69 3.90 19.81 -13.71
C THR B 69 3.83 19.11 -15.05
N ASP B 70 3.51 19.80 -16.14
CA ASP B 70 3.40 19.19 -17.46
C ASP B 70 4.54 19.68 -18.34
N PHE B 71 5.24 18.73 -18.97
CA PHE B 71 6.38 19.05 -19.83
C PHE B 71 6.31 18.21 -21.10
N THR B 72 6.88 18.75 -22.18
CA THR B 72 6.78 18.11 -23.48
C THR B 72 8.12 18.18 -24.20
N LEU B 73 8.54 17.04 -24.77
CA LEU B 73 9.67 16.99 -25.68
C LEU B 73 9.15 16.73 -27.08
N THR B 74 9.60 17.53 -28.05
CA THR B 74 9.10 17.49 -29.41
C THR B 74 10.25 17.28 -30.38
N ILE B 75 10.11 16.30 -31.27
CA ILE B 75 11.01 16.11 -32.39
C ILE B 75 10.25 16.52 -33.64
N SER B 76 10.65 17.64 -34.24
CA SER B 76 9.88 18.20 -35.35
C SER B 76 9.89 17.28 -36.57
N SER B 77 11.02 16.62 -36.83
CA SER B 77 11.15 15.70 -37.96
C SER B 77 12.03 14.55 -37.51
N LEU B 78 11.41 13.38 -37.29
CA LEU B 78 12.14 12.23 -36.78
C LEU B 78 13.10 11.69 -37.85
N GLN B 79 14.26 11.23 -37.41
CA GLN B 79 15.31 10.72 -38.27
C GLN B 79 15.66 9.28 -37.86
N PRO B 80 16.25 8.50 -38.77
CA PRO B 80 16.53 7.09 -38.45
C PRO B 80 17.40 6.88 -37.23
N GLU B 81 18.27 7.83 -36.90
CA GLU B 81 19.14 7.71 -35.74
C GLU B 81 18.49 8.19 -34.45
N ASP B 82 17.27 8.74 -34.53
CA ASP B 82 16.59 9.26 -33.34
C ASP B 82 15.73 8.22 -32.65
N PHE B 83 15.85 6.95 -33.02
CA PHE B 83 15.11 5.87 -32.37
C PHE B 83 15.91 5.40 -31.15
N ALA B 84 15.46 5.78 -29.98
CA ALA B 84 16.12 5.42 -28.73
C ALA B 84 15.11 5.58 -27.59
N THR B 85 15.60 5.51 -26.36
CA THR B 85 14.80 5.75 -25.18
C THR B 85 15.03 7.18 -24.70
N TYR B 86 13.96 7.86 -24.34
CA TYR B 86 14.02 9.26 -23.91
C TYR B 86 13.51 9.39 -22.49
N TYR B 87 14.38 9.81 -21.59
CA TYR B 87 14.05 10.03 -20.19
C TYR B 87 13.91 11.52 -19.91
N CYS B 88 12.98 11.86 -19.02
CA CYS B 88 12.91 13.18 -18.44
C CYS B 88 13.38 13.10 -16.99
N GLN B 89 14.11 14.12 -16.54
CA GLN B 89 14.71 14.11 -15.21
C GLN B 89 14.50 15.47 -14.58
N GLN B 90 13.76 15.51 -13.47
CA GLN B 90 13.54 16.75 -12.75
C GLN B 90 14.78 17.11 -11.94
N SER B 91 15.03 18.42 -11.82
CA SER B 91 16.17 18.94 -11.08
C SER B 91 15.75 19.90 -9.98
N TYR B 92 14.45 20.03 -9.70
CA TYR B 92 14.00 20.93 -8.65
C TYR B 92 14.50 20.47 -7.29
N SER B 93 14.38 19.17 -7.01
CA SER B 93 14.95 18.58 -5.81
C SER B 93 16.37 18.14 -6.15
N THR B 94 17.32 19.07 -5.99
CA THR B 94 18.68 18.86 -6.49
C THR B 94 19.39 17.73 -5.76
N LEU B 95 19.04 17.47 -4.50
CA LEU B 95 19.60 16.37 -3.75
C LEU B 95 18.69 15.14 -3.76
N ALA B 96 17.67 15.12 -4.62
CA ALA B 96 16.86 13.93 -4.82
C ALA B 96 16.47 13.85 -6.29
N LEU B 97 17.47 13.86 -7.18
CA LEU B 97 17.22 13.88 -8.61
C LEU B 97 16.55 12.58 -9.05
N THR B 98 15.35 12.68 -9.60
CA THR B 98 14.61 11.53 -10.06
C THR B 98 14.40 11.60 -11.57
N PHE B 99 14.36 10.43 -12.20
CA PHE B 99 14.13 10.30 -13.63
C PHE B 99 12.71 9.84 -13.91
N GLY B 100 12.30 9.96 -15.17
CA GLY B 100 11.04 9.42 -15.60
C GLY B 100 11.13 7.95 -15.97
N GLY B 101 9.98 7.36 -16.27
CA GLY B 101 9.95 5.96 -16.67
C GLY B 101 10.62 5.69 -18.00
N GLY B 102 10.68 6.69 -18.86
CA GLY B 102 11.26 6.54 -20.19
C GLY B 102 10.19 6.36 -21.25
N THR B 103 10.51 6.79 -22.46
CA THR B 103 9.62 6.63 -23.62
C THR B 103 10.46 6.15 -24.79
N LYS B 104 10.24 4.90 -25.21
CA LYS B 104 11.00 4.29 -26.28
C LYS B 104 10.34 4.62 -27.62
N VAL B 105 11.08 5.29 -28.50
CA VAL B 105 10.61 5.61 -29.83
C VAL B 105 11.04 4.48 -30.77
N GLU B 106 10.06 3.87 -31.43
CA GLU B 106 10.29 2.66 -32.22
C GLU B 106 9.85 2.88 -33.66
N ILE B 107 10.32 2.00 -34.54
CA ILE B 107 10.04 2.11 -35.97
C ILE B 107 8.67 1.49 -36.25
N LYS B 108 7.86 2.20 -37.05
CA LYS B 108 6.55 1.72 -37.42
C LYS B 108 6.63 0.99 -38.76
N ARG B 109 5.87 -0.09 -38.88
CA ARG B 109 5.85 -0.89 -40.11
C ARG B 109 4.49 -1.59 -40.20
N THR B 110 4.35 -2.42 -41.23
CA THR B 110 3.15 -3.20 -41.39
C THR B 110 3.14 -4.37 -40.39
N VAL B 111 1.95 -4.91 -40.16
CA VAL B 111 1.82 -6.05 -39.26
C VAL B 111 2.34 -7.29 -39.96
N ALA B 112 3.34 -7.93 -39.37
CA ALA B 112 3.99 -9.10 -39.93
C ALA B 112 3.61 -10.34 -39.15
N ALA B 113 3.41 -11.44 -39.87
CA ALA B 113 3.03 -12.71 -39.25
C ALA B 113 4.27 -13.42 -38.72
N PRO B 114 4.25 -13.91 -37.49
CA PRO B 114 5.41 -14.62 -36.95
C PRO B 114 5.52 -16.03 -37.51
N SER B 115 6.77 -16.44 -37.75
CA SER B 115 7.06 -17.80 -38.18
C SER B 115 7.36 -18.64 -36.95
N VAL B 116 6.42 -19.52 -36.60
CA VAL B 116 6.49 -20.26 -35.34
C VAL B 116 7.21 -21.58 -35.57
N PHE B 117 8.22 -21.86 -34.74
CA PHE B 117 8.95 -23.11 -34.75
C PHE B 117 9.08 -23.63 -33.33
N ILE B 118 8.97 -24.95 -33.17
CA ILE B 118 9.11 -25.59 -31.86
C ILE B 118 10.30 -26.52 -31.91
N PHE B 119 10.97 -26.66 -30.77
CA PHE B 119 12.17 -27.49 -30.68
C PHE B 119 12.09 -28.37 -29.44
N PRO B 120 12.32 -29.68 -29.59
CA PRO B 120 12.35 -30.56 -28.42
C PRO B 120 13.69 -30.45 -27.71
N PRO B 121 13.75 -30.82 -26.42
CA PRO B 121 15.03 -30.81 -25.72
C PRO B 121 15.98 -31.85 -26.30
N SER B 122 17.25 -31.46 -26.43
CA SER B 122 18.24 -32.31 -27.08
C SER B 122 18.54 -33.55 -26.23
N ASP B 123 19.23 -34.50 -26.85
CA ASP B 123 19.64 -35.71 -26.12
C ASP B 123 20.79 -35.41 -25.17
N GLU B 124 21.63 -34.44 -25.51
CA GLU B 124 22.67 -34.01 -24.59
C GLU B 124 22.11 -33.30 -23.37
N GLN B 125 20.86 -32.85 -23.42
CA GLN B 125 20.27 -32.17 -22.28
C GLN B 125 19.64 -33.16 -21.30
N LEU B 126 18.96 -34.19 -21.82
CA LEU B 126 18.39 -35.21 -20.96
C LEU B 126 19.45 -36.02 -20.22
N LYS B 127 20.68 -36.05 -20.73
CA LYS B 127 21.76 -36.74 -20.03
C LYS B 127 22.16 -35.99 -18.75
N SER B 128 21.98 -34.68 -18.73
CA SER B 128 22.36 -33.85 -17.59
C SER B 128 21.31 -33.83 -16.48
N GLY B 129 20.02 -33.86 -16.83
CA GLY B 129 18.98 -33.87 -15.82
C GLY B 129 17.84 -32.91 -16.09
N THR B 130 18.10 -31.85 -16.85
CA THR B 130 17.10 -30.84 -17.18
C THR B 130 16.51 -31.15 -18.56
N ALA B 131 15.50 -30.35 -18.93
CA ALA B 131 14.84 -30.52 -20.22
C ALA B 131 14.12 -29.22 -20.55
N SER B 132 14.57 -28.52 -21.59
CA SER B 132 14.01 -27.25 -21.99
C SER B 132 13.39 -27.38 -23.38
N VAL B 133 12.16 -26.91 -23.53
CA VAL B 133 11.47 -26.88 -24.81
C VAL B 133 11.41 -25.43 -25.27
N VAL B 134 12.04 -25.15 -26.42
CA VAL B 134 12.18 -23.80 -26.93
C VAL B 134 11.21 -23.62 -28.09
N CYS B 135 10.48 -22.50 -28.07
CA CYS B 135 9.57 -22.12 -29.14
C CYS B 135 9.97 -20.76 -29.67
N LEU B 136 10.00 -20.62 -30.99
CA LEU B 136 10.53 -19.43 -31.65
C LEU B 136 9.43 -18.72 -32.43
N LEU B 137 9.35 -17.40 -32.25
CA LEU B 137 8.54 -16.53 -33.10
C LEU B 137 9.50 -15.62 -33.86
N ASN B 138 9.51 -15.74 -35.17
CA ASN B 138 10.52 -15.10 -36.01
C ASN B 138 9.91 -14.01 -36.88
N ASN B 139 10.48 -12.80 -36.79
CA ASN B 139 10.15 -11.69 -37.67
C ASN B 139 8.66 -11.37 -37.67
N PHE B 140 8.21 -10.54 -36.72
CA PHE B 140 6.81 -10.15 -36.66
C PHE B 140 6.72 -8.74 -36.11
N TYR B 141 5.51 -8.17 -36.20
CA TYR B 141 5.22 -6.83 -35.69
C TYR B 141 3.71 -6.72 -35.53
N PRO B 142 3.22 -6.11 -34.44
CA PRO B 142 3.96 -5.45 -33.37
C PRO B 142 4.54 -6.41 -32.34
N ARG B 143 5.10 -5.85 -31.25
CA ARG B 143 5.73 -6.67 -30.22
C ARG B 143 4.71 -7.52 -29.47
N GLU B 144 3.49 -7.02 -29.29
CA GLU B 144 2.47 -7.73 -28.51
C GLU B 144 2.12 -9.07 -29.13
N ALA B 145 2.68 -10.14 -28.59
CA ALA B 145 2.41 -11.50 -29.06
C ALA B 145 2.29 -12.43 -27.86
N LYS B 146 1.24 -13.24 -27.84
CA LYS B 146 0.96 -14.14 -26.73
C LYS B 146 1.51 -15.53 -27.05
N VAL B 147 2.33 -16.06 -26.15
CA VAL B 147 2.89 -17.40 -26.27
C VAL B 147 2.33 -18.24 -25.13
N GLN B 148 1.68 -19.35 -25.48
CA GLN B 148 1.03 -20.22 -24.51
C GLN B 148 1.58 -21.64 -24.65
N TRP B 149 2.00 -22.21 -23.52
CA TRP B 149 2.50 -23.57 -23.48
C TRP B 149 1.38 -24.53 -23.06
N LYS B 150 1.19 -25.58 -23.84
CA LYS B 150 0.19 -26.61 -23.56
C LYS B 150 0.89 -27.96 -23.52
N VAL B 151 0.98 -28.54 -22.33
CA VAL B 151 1.52 -29.89 -22.14
C VAL B 151 0.35 -30.82 -21.87
N ASP B 152 0.08 -31.72 -22.82
CA ASP B 152 -1.10 -32.59 -22.78
C ASP B 152 -2.38 -31.77 -22.67
N ASN B 153 -2.46 -30.72 -23.50
CA ASN B 153 -3.60 -29.80 -23.56
C ASN B 153 -3.85 -29.11 -22.23
N ALA B 154 -2.86 -29.04 -21.36
CA ALA B 154 -2.96 -28.35 -20.08
C ALA B 154 -2.18 -27.04 -20.16
N LEU B 155 -2.84 -25.95 -19.79
CA LEU B 155 -2.20 -24.63 -19.85
C LEU B 155 -1.03 -24.56 -18.88
N GLN B 156 0.10 -24.08 -19.38
CA GLN B 156 1.32 -23.95 -18.60
C GLN B 156 1.66 -22.48 -18.42
N SER B 157 1.98 -22.08 -17.20
CA SER B 157 2.38 -20.71 -16.90
C SER B 157 3.26 -20.73 -15.66
N GLY B 158 4.38 -20.01 -15.72
CA GLY B 158 5.36 -20.00 -14.65
C GLY B 158 6.50 -20.98 -14.83
N ASN B 159 6.40 -21.88 -15.81
CA ASN B 159 7.46 -22.83 -16.11
C ASN B 159 8.39 -22.35 -17.22
N SER B 160 8.09 -21.23 -17.85
CA SER B 160 8.87 -20.71 -18.95
C SER B 160 9.17 -19.23 -18.72
N GLN B 161 10.10 -18.70 -19.50
CA GLN B 161 10.51 -17.31 -19.40
C GLN B 161 10.81 -16.79 -20.81
N GLU B 162 10.12 -15.73 -21.21
CA GLU B 162 10.24 -15.21 -22.56
C GLU B 162 11.44 -14.29 -22.70
N SER B 163 11.71 -13.91 -23.94
CA SER B 163 12.77 -12.97 -24.28
C SER B 163 12.54 -12.47 -25.69
N VAL B 164 12.65 -11.16 -25.90
CA VAL B 164 12.36 -10.53 -27.17
C VAL B 164 13.60 -9.78 -27.65
N THR B 165 13.95 -9.96 -28.91
CA THR B 165 15.03 -9.18 -29.50
C THR B 165 14.57 -7.76 -29.81
N GLU B 166 15.52 -6.85 -29.85
CA GLU B 166 15.20 -5.48 -30.21
C GLU B 166 14.78 -5.40 -31.68
N GLN B 167 14.16 -4.28 -32.03
CA GLN B 167 13.68 -4.08 -33.39
C GLN B 167 14.83 -4.16 -34.38
N ASP B 168 14.67 -5.04 -35.36
CA ASP B 168 15.74 -5.28 -36.34
C ASP B 168 16.01 -4.03 -37.16
N SER B 169 17.27 -3.82 -37.52
CA SER B 169 17.68 -2.63 -38.27
C SER B 169 17.36 -2.72 -39.75
N LYS B 170 16.94 -3.89 -40.25
CA LYS B 170 16.67 -4.09 -41.66
C LYS B 170 15.18 -4.06 -41.97
N ASP B 171 14.38 -4.91 -41.32
CA ASP B 171 12.95 -4.98 -41.58
C ASP B 171 12.10 -4.59 -40.37
N SER B 172 12.73 -4.08 -39.29
CA SER B 172 12.02 -3.52 -38.14
C SER B 172 11.10 -4.52 -37.45
N THR B 173 11.40 -5.81 -37.57
CA THR B 173 10.58 -6.85 -36.96
C THR B 173 11.21 -7.33 -35.67
N TYR B 174 10.37 -7.90 -34.81
CA TYR B 174 10.79 -8.45 -33.53
C TYR B 174 10.93 -9.97 -33.63
N SER B 175 11.27 -10.58 -32.49
CA SER B 175 11.35 -12.04 -32.39
C SER B 175 11.22 -12.42 -30.92
N LEU B 176 10.60 -13.57 -30.67
CA LEU B 176 10.34 -14.04 -29.31
C LEU B 176 10.80 -15.48 -29.17
N SER B 177 11.37 -15.79 -28.01
CA SER B 177 11.79 -17.16 -27.68
C SER B 177 11.34 -17.46 -26.26
N SER B 178 10.55 -18.51 -26.10
CA SER B 178 10.05 -18.95 -24.80
C SER B 178 10.70 -20.28 -24.46
N THR B 179 11.39 -20.33 -23.32
CA THR B 179 12.12 -21.51 -22.88
C THR B 179 11.35 -22.19 -21.76
N LEU B 180 10.64 -23.27 -22.10
CA LEU B 180 9.88 -24.06 -21.13
C LEU B 180 10.85 -24.98 -20.41
N THR B 181 11.32 -24.54 -19.23
CA THR B 181 12.30 -25.29 -18.46
C THR B 181 11.58 -26.23 -17.49
N LEU B 182 11.98 -27.51 -17.50
CA LEU B 182 11.42 -28.49 -16.60
C LEU B 182 12.44 -29.62 -16.41
N SER B 183 12.29 -30.35 -15.32
CA SER B 183 13.21 -31.44 -15.01
C SER B 183 12.96 -32.64 -15.92
N LYS B 184 13.86 -33.61 -15.86
CA LYS B 184 13.70 -34.83 -16.64
C LYS B 184 12.54 -35.67 -16.13
N ALA B 185 12.34 -35.69 -14.80
CA ALA B 185 11.24 -36.46 -14.23
C ALA B 185 9.89 -35.91 -14.66
N ASP B 186 9.81 -34.60 -14.93
CA ASP B 186 8.59 -33.98 -15.42
C ASP B 186 8.46 -34.08 -16.94
N TYR B 187 9.49 -34.57 -17.65
CA TYR B 187 9.45 -34.63 -19.10
C TYR B 187 8.85 -35.94 -19.61
N GLU B 188 9.34 -37.08 -19.11
CA GLU B 188 8.78 -38.36 -19.52
C GLU B 188 7.41 -38.64 -18.89
N LYS B 189 6.93 -37.77 -18.00
CA LYS B 189 5.61 -37.98 -17.41
C LYS B 189 4.50 -37.73 -18.40
N HIS B 190 4.71 -36.84 -19.37
CA HIS B 190 3.71 -36.47 -20.35
C HIS B 190 4.16 -36.91 -21.75
N LYS B 191 3.44 -36.43 -22.77
CA LYS B 191 3.72 -36.85 -24.14
C LYS B 191 3.68 -35.68 -25.11
N VAL B 192 2.58 -34.93 -25.12
CA VAL B 192 2.38 -33.85 -26.08
C VAL B 192 3.02 -32.58 -25.55
N TYR B 193 3.72 -31.87 -26.43
CA TYR B 193 4.31 -30.57 -26.12
C TYR B 193 3.99 -29.63 -27.27
N ALA B 194 3.13 -28.65 -27.04
CA ALA B 194 2.68 -27.72 -28.05
C ALA B 194 3.11 -26.31 -27.72
N CYS B 195 2.99 -25.42 -28.71
CA CYS B 195 3.29 -24.01 -28.55
C CYS B 195 2.24 -23.21 -29.31
N GLU B 196 1.31 -22.61 -28.58
CA GLU B 196 0.26 -21.80 -29.18
C GLU B 196 0.69 -20.34 -29.25
N VAL B 197 0.39 -19.70 -30.38
CA VAL B 197 0.80 -18.33 -30.64
C VAL B 197 -0.43 -17.51 -31.03
N THR B 198 -0.65 -16.40 -30.33
CA THR B 198 -1.72 -15.46 -30.64
C THR B 198 -1.09 -14.12 -30.99
N HIS B 199 -1.33 -13.65 -32.21
CA HIS B 199 -0.73 -12.41 -32.69
C HIS B 199 -1.74 -11.64 -33.52
N GLN B 200 -1.49 -10.34 -33.66
CA GLN B 200 -2.39 -9.49 -34.44
C GLN B 200 -2.40 -9.87 -35.91
N GLY B 201 -1.30 -10.41 -36.42
CA GLY B 201 -1.22 -10.79 -37.82
C GLY B 201 -1.56 -12.25 -38.06
N LEU B 202 -2.43 -12.82 -37.23
CA LEU B 202 -2.87 -14.19 -37.38
C LEU B 202 -4.40 -14.23 -37.30
N SER B 203 -5.04 -14.74 -38.35
CA SER B 203 -6.49 -14.85 -38.35
C SER B 203 -7.00 -15.90 -37.37
N SER B 204 -6.15 -16.84 -36.96
CA SER B 204 -6.50 -17.86 -35.99
C SER B 204 -5.22 -18.30 -35.29
N PRO B 205 -5.31 -18.71 -34.02
CA PRO B 205 -4.10 -19.09 -33.28
C PRO B 205 -3.37 -20.26 -33.95
N VAL B 206 -2.08 -20.07 -34.20
CA VAL B 206 -1.24 -21.08 -34.82
C VAL B 206 -0.53 -21.86 -33.72
N THR B 207 -0.47 -23.18 -33.88
CA THR B 207 0.13 -24.06 -32.90
C THR B 207 1.12 -24.98 -33.59
N LYS B 208 2.36 -25.00 -33.09
CA LYS B 208 3.38 -25.94 -33.53
C LYS B 208 3.69 -26.88 -32.37
N SER B 209 3.54 -28.19 -32.61
CA SER B 209 3.64 -29.18 -31.55
C SER B 209 4.48 -30.35 -32.02
N PHE B 210 4.80 -31.23 -31.06
CA PHE B 210 5.52 -32.46 -31.35
C PHE B 210 5.19 -33.47 -30.25
N ASN B 211 5.51 -34.73 -30.52
CA ASN B 211 5.33 -35.81 -29.57
C ASN B 211 6.68 -36.26 -29.03
N ARG B 212 6.72 -36.61 -27.75
CA ARG B 212 7.97 -37.00 -27.11
C ARG B 212 8.44 -38.34 -27.66
N GLY B 213 9.64 -38.36 -28.23
CA GLY B 213 10.19 -39.57 -28.80
C GLY B 213 10.89 -39.34 -30.13
N ASN C 11 33.04 40.78 6.28
CA ASN C 11 33.21 39.68 7.22
C ASN C 11 32.20 38.56 6.95
N LEU C 12 32.41 37.42 7.62
CA LEU C 12 31.62 36.23 7.34
C LEU C 12 30.19 36.37 7.87
N CYS C 13 29.31 35.56 7.30
CA CYS C 13 27.91 35.56 7.73
C CYS C 13 27.74 34.69 8.97
N PRO C 14 26.93 35.12 9.94
CA PRO C 14 26.82 34.39 11.23
C PRO C 14 25.86 33.21 11.16
N PHE C 15 26.23 32.17 10.40
CA PHE C 15 25.44 30.95 10.40
C PHE C 15 25.62 30.17 11.70
N GLY C 16 26.78 30.31 12.34
CA GLY C 16 27.01 29.60 13.58
C GLY C 16 26.05 29.98 14.69
N GLU C 17 25.64 31.25 14.73
CA GLU C 17 24.69 31.68 15.74
C GLU C 17 23.35 30.97 15.62
N VAL C 18 23.02 30.47 14.43
CA VAL C 18 21.78 29.75 14.21
C VAL C 18 21.95 28.26 14.44
N PHE C 19 22.98 27.66 13.85
CA PHE C 19 23.18 26.22 13.95
C PHE C 19 23.63 25.82 15.36
N ASN C 20 24.65 26.49 15.89
CA ASN C 20 25.21 26.15 17.19
C ASN C 20 24.47 26.80 18.35
N ALA C 21 23.25 27.29 18.12
CA ALA C 21 22.47 27.91 19.19
C ALA C 21 22.16 26.90 20.29
N THR C 22 22.38 27.30 21.54
CA THR C 22 22.25 26.37 22.66
C THR C 22 20.80 25.97 22.92
N ARG C 23 19.84 26.77 22.49
CA ARG C 23 18.43 26.45 22.68
C ARG C 23 17.65 26.87 21.44
N PHE C 24 16.67 26.05 21.07
CA PHE C 24 15.90 26.23 19.84
C PHE C 24 14.47 26.62 20.15
N ALA C 25 13.80 27.18 19.14
CA ALA C 25 12.43 27.62 19.29
C ALA C 25 11.46 26.48 18.99
N SER C 26 10.25 26.59 19.54
CA SER C 26 9.18 25.70 19.16
C SER C 26 8.73 25.99 17.74
N VAL C 27 8.24 24.95 17.05
CA VAL C 27 7.93 25.10 15.63
C VAL C 27 6.84 26.12 15.40
N TYR C 28 5.87 26.24 16.32
CA TYR C 28 4.80 27.20 16.13
C TYR C 28 5.32 28.63 16.26
N ALA C 29 6.35 28.85 17.07
CA ALA C 29 7.01 30.14 17.18
C ALA C 29 8.44 30.03 16.65
N TRP C 30 8.57 29.60 15.40
CA TRP C 30 9.89 29.38 14.82
C TRP C 30 10.67 30.68 14.72
N ASN C 31 11.99 30.58 14.90
CA ASN C 31 12.87 31.73 14.79
C ASN C 31 13.28 31.96 13.35
N ARG C 32 13.63 33.20 13.04
CA ARG C 32 14.15 33.57 11.73
C ARG C 32 15.26 34.58 11.91
N LYS C 33 16.44 34.30 11.37
CA LYS C 33 17.55 35.23 11.37
C LYS C 33 17.72 35.78 9.96
N ARG C 34 17.65 37.11 9.84
CA ARG C 34 17.87 37.77 8.56
C ARG C 34 19.37 38.03 8.41
N ILE C 35 19.98 37.46 7.39
CA ILE C 35 21.41 37.54 7.15
C ILE C 35 21.65 38.48 5.98
N SER C 36 22.40 39.56 6.21
CA SER C 36 22.62 40.59 5.21
C SER C 36 24.03 41.14 5.35
N ASN C 37 24.56 41.66 4.24
CA ASN C 37 25.81 42.41 4.21
C ASN C 37 26.96 41.60 4.82
N CYS C 38 27.26 40.47 4.18
CA CYS C 38 28.35 39.62 4.63
C CYS C 38 28.68 38.62 3.52
N VAL C 39 29.80 37.94 3.68
CA VAL C 39 30.24 36.91 2.75
C VAL C 39 29.98 35.56 3.39
N ALA C 40 29.15 34.75 2.73
CA ALA C 40 28.74 33.46 3.29
C ALA C 40 29.71 32.37 2.86
N ASP C 41 30.18 31.59 3.82
CA ASP C 41 31.10 30.47 3.57
C ASP C 41 30.29 29.18 3.69
N TYR C 42 29.60 28.82 2.61
CA TYR C 42 28.72 27.66 2.65
C TYR C 42 29.50 26.36 2.71
N SER C 43 30.73 26.34 2.21
CA SER C 43 31.51 25.10 2.18
C SER C 43 31.79 24.59 3.59
N VAL C 44 32.26 25.49 4.47
CA VAL C 44 32.57 25.08 5.84
C VAL C 44 31.28 24.83 6.63
N LEU C 45 30.19 25.51 6.26
CA LEU C 45 28.93 25.34 6.98
C LEU C 45 28.34 23.96 6.78
N TYR C 46 28.35 23.47 5.53
CA TYR C 46 27.69 22.21 5.21
C TYR C 46 28.51 20.98 5.56
N ASN C 47 29.79 21.15 5.89
CA ASN C 47 30.64 20.04 6.28
C ASN C 47 30.98 20.06 7.77
N SER C 48 30.28 20.86 8.55
CA SER C 48 30.54 20.93 9.99
C SER C 48 29.94 19.71 10.69
N ALA C 49 28.68 19.80 11.09
CA ALA C 49 28.03 18.71 11.78
C ALA C 49 27.55 17.64 10.80
N SER C 50 27.09 16.51 11.35
CA SER C 50 26.50 15.45 10.55
C SER C 50 24.98 15.62 10.57
N PHE C 51 24.38 15.67 9.38
CA PHE C 51 22.97 15.99 9.23
C PHE C 51 22.19 14.75 8.78
N SER C 52 21.05 14.52 9.42
CA SER C 52 20.21 13.38 9.03
C SER C 52 19.40 13.69 7.79
N THR C 53 19.07 14.95 7.55
CA THR C 53 18.30 15.35 6.38
C THR C 53 18.95 16.59 5.76
N PHE C 54 19.24 16.50 4.46
CA PHE C 54 19.82 17.62 3.73
C PHE C 54 19.22 17.58 2.32
N LYS C 55 18.21 18.41 2.09
CA LYS C 55 17.54 18.48 0.80
C LYS C 55 17.39 19.94 0.40
N CYS C 56 17.82 20.27 -0.81
CA CYS C 56 17.70 21.62 -1.34
C CYS C 56 16.75 21.64 -2.52
N TYR C 57 16.12 22.79 -2.73
CA TYR C 57 15.12 22.96 -3.77
C TYR C 57 15.40 24.22 -4.55
N GLY C 58 15.36 24.11 -5.88
CA GLY C 58 15.60 25.25 -6.75
C GLY C 58 17.02 25.73 -6.82
N VAL C 59 17.94 25.14 -6.05
CA VAL C 59 19.34 25.54 -6.07
C VAL C 59 20.16 24.39 -5.51
N SER C 60 21.43 24.29 -5.95
CA SER C 60 22.33 23.24 -5.52
C SER C 60 23.24 23.74 -4.40
N PRO C 61 23.58 22.87 -3.45
CA PRO C 61 24.46 23.30 -2.34
C PRO C 61 25.83 23.77 -2.79
N THR C 62 26.37 23.21 -3.87
CA THR C 62 27.68 23.62 -4.36
C THR C 62 27.61 24.89 -5.21
N LYS C 63 26.42 25.28 -5.66
CA LYS C 63 26.27 26.48 -6.48
C LYS C 63 26.15 27.75 -5.63
N LEU C 64 25.85 27.61 -4.34
CA LEU C 64 25.65 28.79 -3.51
C LEU C 64 26.90 29.64 -3.38
N ASN C 65 28.09 29.03 -3.48
CA ASN C 65 29.32 29.80 -3.39
C ASN C 65 29.46 30.79 -4.53
N ASP C 66 28.80 30.54 -5.66
CA ASP C 66 28.90 31.40 -6.83
C ASP C 66 27.74 32.36 -6.98
N LEU C 67 26.77 32.32 -6.07
CA LEU C 67 25.56 33.12 -6.18
C LEU C 67 25.53 34.24 -5.15
N CYS C 68 24.86 35.33 -5.50
CA CYS C 68 24.65 36.45 -4.62
C CYS C 68 23.16 36.67 -4.41
N PHE C 69 22.79 37.16 -3.22
CA PHE C 69 21.41 37.37 -2.87
C PHE C 69 21.28 38.68 -2.10
N THR C 70 20.10 39.30 -2.20
CA THR C 70 19.84 40.51 -1.43
C THR C 70 19.78 40.20 0.06
N ASN C 71 19.05 39.15 0.43
CA ASN C 71 18.95 38.71 1.82
C ASN C 71 18.91 37.20 1.87
N VAL C 72 19.42 36.64 2.97
CA VAL C 72 19.36 35.20 3.23
C VAL C 72 18.72 35.01 4.59
N TYR C 73 17.70 34.16 4.65
CA TYR C 73 16.97 33.88 5.88
C TYR C 73 17.33 32.50 6.38
N ALA C 74 17.45 32.37 7.71
CA ALA C 74 17.80 31.11 8.37
C ALA C 74 16.76 30.85 9.46
N ASP C 75 15.78 30.01 9.15
CA ASP C 75 14.73 29.66 10.10
C ASP C 75 15.14 28.41 10.87
N SER C 76 14.82 28.39 12.17
CA SER C 76 15.22 27.28 13.03
C SER C 76 14.12 26.97 14.04
N PHE C 77 13.89 25.68 14.25
CA PHE C 77 12.86 25.20 15.18
C PHE C 77 13.14 23.73 15.49
N VAL C 78 12.23 23.10 16.22
CA VAL C 78 12.34 21.70 16.62
C VAL C 78 11.01 21.00 16.34
N ILE C 79 11.08 19.81 15.72
CA ILE C 79 9.91 18.99 15.45
C ILE C 79 10.26 17.54 15.75
N ARG C 80 9.23 16.68 15.65
CA ARG C 80 9.41 15.25 15.83
C ARG C 80 10.20 14.65 14.67
N GLY C 81 10.69 13.43 14.88
CA GLY C 81 11.41 12.75 13.82
C GLY C 81 10.54 12.45 12.63
N ASP C 82 9.35 11.91 12.87
CA ASP C 82 8.39 11.57 11.82
C ASP C 82 7.79 12.80 11.14
N GLU C 83 8.11 14.01 11.59
CA GLU C 83 7.54 15.23 11.00
C GLU C 83 8.53 15.98 10.12
N VAL C 84 9.78 15.52 10.03
CA VAL C 84 10.77 16.22 9.22
C VAL C 84 10.39 16.19 7.75
N ARG C 85 9.63 15.17 7.32
CA ARG C 85 9.20 15.07 5.94
C ARG C 85 8.21 16.18 5.56
N GLN C 86 7.64 16.89 6.53
CA GLN C 86 6.71 17.97 6.25
C GLN C 86 7.39 19.30 5.95
N ILE C 87 8.71 19.40 6.19
CA ILE C 87 9.42 20.65 5.92
C ILE C 87 9.96 20.61 4.50
N ALA C 88 9.07 20.74 3.52
CA ALA C 88 9.42 20.63 2.11
C ALA C 88 8.34 21.29 1.29
N PRO C 89 8.64 21.71 0.06
CA PRO C 89 7.61 22.33 -0.78
C PRO C 89 6.49 21.35 -1.09
N GLY C 90 5.26 21.87 -1.08
CA GLY C 90 4.10 21.06 -1.41
C GLY C 90 3.81 19.92 -0.46
N GLN C 91 3.95 20.15 0.84
CA GLN C 91 3.65 19.16 1.86
C GLN C 91 2.45 19.61 2.69
N THR C 92 1.76 18.64 3.29
CA THR C 92 0.63 18.91 4.16
C THR C 92 0.78 18.12 5.46
N GLY C 93 0.09 18.58 6.49
CA GLY C 93 0.16 17.95 7.80
C GLY C 93 0.04 18.99 8.89
N THR C 94 -0.03 18.51 10.14
CA THR C 94 -0.24 19.42 11.26
C THR C 94 0.88 20.47 11.33
N ILE C 95 2.10 20.07 11.01
CA ILE C 95 3.23 20.99 11.07
C ILE C 95 3.24 21.94 9.87
N ALA C 96 3.02 21.41 8.67
CA ALA C 96 3.08 22.25 7.48
C ALA C 96 1.86 23.15 7.36
N ASP C 97 0.71 22.72 7.87
CA ASP C 97 -0.50 23.51 7.72
C ASP C 97 -0.65 24.55 8.82
N TYR C 98 -0.22 24.22 10.04
CA TYR C 98 -0.52 25.02 11.21
C TYR C 98 0.70 25.60 11.91
N ASN C 99 1.91 25.27 11.45
CA ASN C 99 3.11 25.69 12.17
C ASN C 99 4.12 26.36 11.23
N TYR C 100 4.68 25.61 10.29
CA TYR C 100 5.69 26.12 9.38
C TYR C 100 5.42 25.62 7.97
N LYS C 101 5.16 26.54 7.05
CA LYS C 101 4.75 26.20 5.69
C LYS C 101 5.76 26.73 4.69
N LEU C 102 6.17 25.89 3.75
CA LEU C 102 7.04 26.29 2.64
C LEU C 102 6.22 26.43 1.36
N PRO C 103 6.57 27.40 0.51
CA PRO C 103 5.83 27.58 -0.74
C PRO C 103 6.13 26.48 -1.74
N ASP C 104 5.27 26.39 -2.76
CA ASP C 104 5.43 25.37 -3.79
C ASP C 104 6.67 25.61 -4.64
N ASP C 105 7.03 26.88 -4.86
CA ASP C 105 8.23 27.24 -5.59
C ASP C 105 9.35 27.67 -4.65
N PHE C 106 9.49 26.97 -3.53
CA PHE C 106 10.51 27.30 -2.54
C PHE C 106 11.91 27.10 -3.12
N THR C 107 12.78 28.08 -2.87
CA THR C 107 14.17 28.03 -3.31
C THR C 107 15.07 28.14 -2.09
N GLY C 108 15.63 27.00 -1.68
CA GLY C 108 16.48 26.99 -0.51
C GLY C 108 16.81 25.57 -0.11
N CYS C 109 17.26 25.41 1.14
CA CYS C 109 17.71 24.12 1.65
C CYS C 109 17.06 23.86 3.01
N VAL C 110 16.74 22.59 3.26
CA VAL C 110 16.23 22.13 4.54
C VAL C 110 17.27 21.21 5.17
N ILE C 111 17.72 21.55 6.37
CA ILE C 111 18.78 20.83 7.06
C ILE C 111 18.27 20.46 8.44
N ALA C 112 18.30 19.17 8.77
CA ALA C 112 17.82 18.70 10.06
C ALA C 112 18.77 17.65 10.61
N TRP C 113 18.83 17.56 11.94
CA TRP C 113 19.68 16.58 12.60
C TRP C 113 19.03 16.17 13.91
N ASN C 114 19.31 14.92 14.31
CA ASN C 114 18.76 14.38 15.54
C ASN C 114 19.35 15.11 16.75
N SER C 115 18.47 15.63 17.61
CA SER C 115 18.89 16.38 18.79
C SER C 115 18.41 15.71 20.07
N ASN C 116 18.36 14.38 20.08
CA ASN C 116 17.95 13.65 21.26
C ASN C 116 18.85 13.94 22.46
N ASN C 117 20.15 14.16 22.21
CA ASN C 117 21.09 14.44 23.29
C ASN C 117 20.98 15.86 23.83
N LEU C 118 20.24 16.74 23.17
CA LEU C 118 20.14 18.14 23.59
C LEU C 118 18.75 18.53 24.05
N ASP C 119 17.69 17.98 23.44
CA ASP C 119 16.34 18.48 23.64
C ASP C 119 15.41 17.48 24.31
N SER C 120 15.94 16.36 24.80
CA SER C 120 15.13 15.35 25.45
C SER C 120 15.60 15.15 26.89
N LYS C 121 14.65 15.05 27.81
CA LYS C 121 14.94 14.84 29.22
C LYS C 121 14.43 13.47 29.64
N VAL C 122 15.05 12.91 30.68
CA VAL C 122 14.65 11.60 31.18
C VAL C 122 13.21 11.63 31.67
N GLY C 123 12.81 12.73 32.31
CA GLY C 123 11.44 12.93 32.73
C GLY C 123 10.52 13.48 31.67
N GLY C 124 11.05 13.81 30.50
CA GLY C 124 10.24 14.39 29.44
C GLY C 124 10.42 15.89 29.32
N ASN C 125 10.79 16.36 28.13
CA ASN C 125 11.00 17.78 27.87
C ASN C 125 9.74 18.34 27.21
N TYR C 126 8.94 19.07 28.00
CA TYR C 126 7.68 19.60 27.53
C TYR C 126 7.76 21.10 27.21
N ASN C 127 8.94 21.57 26.83
CA ASN C 127 9.10 22.97 26.46
C ASN C 127 8.90 23.22 24.98
N TYR C 128 8.98 22.19 24.14
CA TYR C 128 8.77 22.33 22.71
C TYR C 128 7.31 22.02 22.40
N LEU C 129 6.59 23.02 21.89
CA LEU C 129 5.17 22.90 21.56
C LEU C 129 4.99 23.03 20.05
N TYR C 130 3.87 22.51 19.57
CA TYR C 130 3.42 22.73 18.21
C TYR C 130 1.95 23.14 18.25
N ARG C 131 1.50 23.80 17.18
CA ARG C 131 0.10 24.19 17.09
C ARG C 131 -0.71 23.02 16.54
N LEU C 132 -1.67 22.54 17.34
CA LEU C 132 -2.49 21.42 16.94
C LEU C 132 -3.76 21.84 16.21
N PHE C 133 -4.43 22.88 16.70
CA PHE C 133 -5.70 23.33 16.16
C PHE C 133 -5.56 24.69 15.48
N ARG C 134 -6.16 24.82 14.31
CA ARG C 134 -6.23 26.09 13.60
C ARG C 134 -7.36 26.01 12.59
N LYS C 135 -8.09 27.11 12.43
CA LYS C 135 -9.22 27.11 11.51
C LYS C 135 -8.77 26.90 10.07
N SER C 136 -7.68 27.54 9.66
CA SER C 136 -7.23 27.49 8.29
C SER C 136 -5.73 27.26 8.23
N ASN C 137 -5.24 26.94 7.04
CA ASN C 137 -3.82 26.70 6.85
C ASN C 137 -3.04 28.01 6.84
N LEU C 138 -1.75 27.91 7.12
CA LEU C 138 -0.87 29.06 7.09
C LEU C 138 -0.45 29.38 5.66
N LYS C 139 -0.18 30.65 5.42
CA LYS C 139 0.50 31.06 4.22
C LYS C 139 1.98 30.72 4.33
N PRO C 140 2.70 30.61 3.21
CA PRO C 140 4.13 30.31 3.27
C PRO C 140 4.87 31.35 4.12
N PHE C 141 5.73 30.85 5.00
CA PHE C 141 6.54 31.69 5.88
C PHE C 141 5.69 32.56 6.80
N GLU C 142 4.50 32.08 7.17
CA GLU C 142 3.63 32.78 8.11
C GLU C 142 3.82 32.19 9.50
N ARG C 143 3.97 33.06 10.49
CA ARG C 143 4.15 32.64 11.88
C ARG C 143 2.94 33.05 12.70
N ASP C 144 2.40 32.11 13.46
CA ASP C 144 1.21 32.32 14.29
C ASP C 144 1.56 31.91 15.71
N ILE C 145 1.73 32.90 16.59
CA ILE C 145 2.06 32.65 17.98
C ILE C 145 0.84 32.83 18.90
N SER C 146 -0.36 32.82 18.32
CA SER C 146 -1.57 32.98 19.11
C SER C 146 -1.76 31.80 20.07
N THR C 147 -2.31 32.10 21.25
CA THR C 147 -2.70 31.08 22.21
C THR C 147 -4.18 31.21 22.57
N GLU C 148 -4.98 31.71 21.64
CA GLU C 148 -6.40 31.89 21.88
C GLU C 148 -7.11 30.54 21.86
N ILE C 149 -8.04 30.35 22.81
CA ILE C 149 -8.74 29.08 22.93
C ILE C 149 -9.49 28.77 21.64
N TYR C 150 -9.23 27.59 21.09
CA TYR C 150 -9.83 27.19 19.81
C TYR C 150 -11.27 26.73 20.02
N GLN C 151 -12.15 27.18 19.13
CA GLN C 151 -13.57 26.87 19.21
C GLN C 151 -13.91 25.81 18.18
N ALA C 152 -14.18 24.59 18.65
CA ALA C 152 -14.53 23.48 17.78
C ALA C 152 -16.03 23.23 17.72
N GLY C 153 -16.84 24.06 18.37
CA GLY C 153 -18.28 23.88 18.34
C GLY C 153 -19.05 25.15 18.08
N SER C 154 -20.38 25.09 18.23
CA SER C 154 -21.20 26.27 18.03
C SER C 154 -21.07 27.25 19.20
N THR C 155 -21.02 26.74 20.43
CA THR C 155 -20.97 27.62 21.58
C THR C 155 -19.58 28.25 21.70
N PRO C 156 -19.48 29.57 21.81
CA PRO C 156 -18.16 30.20 21.95
C PRO C 156 -17.52 29.84 23.29
N CYS C 157 -16.20 30.02 23.32
CA CYS C 157 -15.40 29.58 24.46
C CYS C 157 -15.15 30.67 25.49
N ASN C 158 -14.99 31.92 25.05
CA ASN C 158 -14.77 33.04 25.95
C ASN C 158 -13.52 32.84 26.79
N GLY C 159 -12.48 32.27 26.18
CA GLY C 159 -11.18 32.17 26.81
C GLY C 159 -11.01 31.08 27.83
N VAL C 160 -11.99 30.20 27.98
CA VAL C 160 -11.92 29.11 28.96
C VAL C 160 -11.96 27.79 28.20
N LYS C 161 -10.94 26.96 28.41
CA LYS C 161 -10.90 25.66 27.75
C LYS C 161 -11.94 24.73 28.36
N GLY C 162 -12.69 24.06 27.51
CA GLY C 162 -13.71 23.13 27.95
C GLY C 162 -14.09 22.21 26.83
N PHE C 163 -15.34 21.76 26.83
CA PHE C 163 -15.81 20.93 25.74
C PHE C 163 -15.90 21.74 24.45
N ASN C 164 -15.35 21.19 23.37
CA ASN C 164 -15.21 21.87 22.09
C ASN C 164 -14.43 23.18 22.21
N CYS C 165 -13.61 23.31 23.26
CA CYS C 165 -12.85 24.52 23.51
C CYS C 165 -11.45 24.10 23.95
N TYR C 166 -10.52 24.12 23.02
CA TYR C 166 -9.22 23.48 23.17
C TYR C 166 -8.11 24.53 23.16
N PHE C 167 -7.12 24.32 24.02
CA PHE C 167 -5.91 25.14 23.94
C PHE C 167 -5.19 24.81 22.65
N PRO C 168 -4.81 25.80 21.83
CA PRO C 168 -4.34 25.47 20.48
C PRO C 168 -3.01 24.75 20.44
N LEU C 169 -2.16 24.92 21.45
CA LEU C 169 -0.81 24.37 21.41
C LEU C 169 -0.76 23.03 22.14
N GLN C 170 0.05 22.12 21.61
CA GLN C 170 0.24 20.79 22.19
C GLN C 170 1.72 20.55 22.43
N SER C 171 2.02 19.87 23.53
CA SER C 171 3.39 19.64 23.95
C SER C 171 3.96 18.38 23.31
N TYR C 172 5.27 18.41 23.05
CA TYR C 172 5.95 17.26 22.46
C TYR C 172 6.31 16.23 23.53
N GLY C 173 7.04 16.66 24.56
CA GLY C 173 7.48 15.74 25.60
C GLY C 173 8.50 14.73 25.10
N PHE C 174 9.74 15.17 24.94
CA PHE C 174 10.79 14.29 24.42
C PHE C 174 11.47 13.54 25.54
N GLN C 175 11.77 12.26 25.29
CA GLN C 175 12.45 11.37 26.21
C GLN C 175 13.55 10.65 25.45
N PRO C 176 14.75 10.50 26.04
CA PRO C 176 15.89 10.02 25.25
C PRO C 176 15.75 8.61 24.72
N THR C 177 14.92 7.77 25.33
CA THR C 177 14.80 6.37 24.92
C THR C 177 13.67 6.14 23.90
N TYR C 178 12.95 7.19 23.50
CA TYR C 178 11.92 7.02 22.49
C TYR C 178 12.53 6.55 21.17
N GLY C 179 11.68 6.02 20.30
CA GLY C 179 12.10 5.74 18.94
C GLY C 179 12.43 7.01 18.19
N VAL C 180 13.22 6.85 17.12
CA VAL C 180 13.72 8.02 16.39
C VAL C 180 12.57 8.81 15.78
N GLY C 181 11.44 8.15 15.47
CA GLY C 181 10.29 8.87 14.98
C GLY C 181 9.72 9.84 16.00
N TYR C 182 9.90 9.54 17.28
CA TYR C 182 9.38 10.39 18.35
C TYR C 182 10.46 11.27 18.98
N GLN C 183 11.72 11.21 18.45
CA GLN C 183 12.82 11.96 19.04
C GLN C 183 12.92 13.36 18.44
N PRO C 184 13.47 14.31 19.20
CA PRO C 184 13.51 15.69 18.70
C PRO C 184 14.55 15.85 17.61
N TYR C 185 14.22 16.68 16.63
CA TYR C 185 15.12 17.03 15.54
C TYR C 185 15.15 18.55 15.39
N ARG C 186 16.36 19.10 15.32
CA ARG C 186 16.54 20.52 15.07
C ARG C 186 16.64 20.75 13.57
N VAL C 187 15.90 21.74 13.07
CA VAL C 187 15.78 22.01 11.64
C VAL C 187 16.23 23.42 11.36
N VAL C 188 17.03 23.58 10.31
CA VAL C 188 17.41 24.90 9.80
C VAL C 188 17.00 24.98 8.34
N VAL C 189 16.24 26.00 8.00
CA VAL C 189 15.77 26.23 6.64
C VAL C 189 16.42 27.51 6.13
N LEU C 190 17.17 27.40 5.03
CA LEU C 190 17.84 28.53 4.43
C LEU C 190 17.02 29.02 3.24
N SER C 191 16.55 30.26 3.33
CA SER C 191 15.75 30.87 2.27
C SER C 191 16.57 31.95 1.60
N PHE C 192 16.56 31.95 0.26
CA PHE C 192 17.38 32.85 -0.54
C PHE C 192 16.47 33.82 -1.28
N GLU C 193 16.35 35.03 -0.76
CA GLU C 193 15.53 36.06 -1.38
C GLU C 193 16.31 36.78 -2.47
N LEU C 194 15.73 36.86 -3.66
CA LEU C 194 16.37 37.53 -4.79
C LEU C 194 15.41 38.60 -5.31
N LEU C 195 15.62 39.84 -4.88
CA LEU C 195 14.83 40.97 -5.32
C LEU C 195 15.56 41.71 -6.44
N HIS C 196 14.89 42.73 -6.98
CA HIS C 196 15.54 43.65 -7.92
C HIS C 196 16.25 44.77 -7.18
N ALA C 197 17.07 44.37 -6.21
CA ALA C 197 17.82 45.27 -5.33
C ALA C 197 19.27 44.83 -5.31
N PRO C 198 20.19 45.72 -4.91
CA PRO C 198 21.61 45.32 -4.83
C PRO C 198 21.81 44.21 -3.81
N ALA C 199 22.42 43.11 -4.26
CA ALA C 199 22.66 41.98 -3.39
C ALA C 199 23.70 42.31 -2.33
N THR C 200 23.50 41.76 -1.13
CA THR C 200 24.42 41.99 -0.02
C THR C 200 25.09 40.72 0.49
N VAL C 201 24.60 39.54 0.13
CA VAL C 201 25.15 38.28 0.59
C VAL C 201 25.65 37.50 -0.63
N CYS C 202 26.94 37.20 -0.65
CA CYS C 202 27.55 36.43 -1.72
C CYS C 202 28.32 35.26 -1.13
N GLY C 203 28.48 34.21 -1.93
CA GLY C 203 29.19 33.02 -1.50
C GLY C 203 30.70 33.16 -1.57
N GLU D 1 -25.61 16.43 24.18
CA GLU D 1 -26.41 16.26 22.96
C GLU D 1 -25.52 16.14 21.73
N VAL D 2 -24.32 15.59 21.93
CA VAL D 2 -23.34 15.44 20.86
C VAL D 2 -23.57 14.11 20.17
N GLN D 3 -23.91 14.15 18.88
CA GLN D 3 -24.22 12.95 18.13
C GLN D 3 -23.56 13.00 16.76
N LEU D 4 -23.13 11.82 16.30
CA LEU D 4 -22.67 11.61 14.93
C LEU D 4 -23.56 10.54 14.31
N VAL D 5 -24.45 10.97 13.40
CA VAL D 5 -25.42 10.07 12.78
C VAL D 5 -24.95 9.74 11.36
N GLU D 6 -24.87 8.45 11.05
CA GLU D 6 -24.33 7.99 9.78
C GLU D 6 -25.43 7.43 8.88
N SER D 7 -25.19 7.50 7.58
CA SER D 7 -26.11 6.98 6.57
C SER D 7 -25.31 6.69 5.30
N GLY D 8 -25.96 5.98 4.38
CA GLY D 8 -25.41 5.73 3.07
C GLY D 8 -24.94 4.31 2.83
N GLY D 9 -24.98 3.46 3.85
CA GLY D 9 -24.50 2.10 3.72
C GLY D 9 -25.49 1.21 3.01
N GLY D 10 -25.07 -0.04 2.80
CA GLY D 10 -25.91 -1.01 2.14
C GLY D 10 -25.18 -1.89 1.14
N LEU D 11 -25.83 -2.18 0.02
CA LEU D 11 -25.30 -3.07 -1.00
C LEU D 11 -24.74 -2.26 -2.17
N ILE D 12 -23.62 -2.73 -2.71
CA ILE D 12 -23.01 -2.13 -3.89
C ILE D 12 -22.21 -3.21 -4.62
N GLN D 13 -22.29 -3.20 -5.95
CA GLN D 13 -21.62 -4.23 -6.74
C GLN D 13 -20.11 -3.99 -6.76
N PRO D 14 -19.34 -5.05 -7.01
CA PRO D 14 -17.89 -4.88 -7.15
C PRO D 14 -17.54 -3.92 -8.27
N GLY D 15 -16.68 -2.95 -7.97
CA GLY D 15 -16.32 -1.90 -8.90
C GLY D 15 -17.18 -0.66 -8.81
N GLY D 16 -18.33 -0.74 -8.14
CA GLY D 16 -19.22 0.38 -8.02
C GLY D 16 -18.76 1.40 -6.99
N SER D 17 -19.56 2.43 -6.82
CA SER D 17 -19.24 3.54 -5.93
C SER D 17 -20.35 3.74 -4.91
N LEU D 18 -19.99 4.40 -3.81
CA LEU D 18 -20.91 4.68 -2.72
C LEU D 18 -20.46 5.94 -2.02
N ARG D 19 -21.37 6.55 -1.26
CA ARG D 19 -21.08 7.80 -0.55
C ARG D 19 -21.75 7.75 0.81
N LEU D 20 -20.95 7.66 1.87
CA LEU D 20 -21.47 7.64 3.23
C LEU D 20 -21.57 9.05 3.78
N SER D 21 -22.53 9.24 4.69
CA SER D 21 -22.75 10.53 5.33
C SER D 21 -22.57 10.39 6.84
N CYS D 22 -22.16 11.50 7.46
CA CYS D 22 -21.96 11.57 8.92
C CYS D 22 -22.48 12.94 9.35
N ALA D 23 -23.77 13.02 9.66
CA ALA D 23 -24.39 14.27 10.09
C ALA D 23 -24.08 14.49 11.58
N ALA D 24 -23.50 15.64 11.89
CA ALA D 24 -23.04 15.93 13.24
C ALA D 24 -23.95 16.95 13.91
N SER D 25 -24.11 16.79 15.22
CA SER D 25 -24.75 17.79 16.07
C SER D 25 -23.99 17.81 17.38
N GLY D 26 -23.65 19.02 17.84
CA GLY D 26 -22.82 19.19 19.01
C GLY D 26 -21.39 19.57 18.71
N LEU D 27 -20.97 19.49 17.46
CA LEU D 27 -19.65 19.92 17.03
C LEU D 27 -19.73 20.38 15.59
N THR D 28 -18.76 21.19 15.19
CA THR D 28 -18.68 21.71 13.83
C THR D 28 -17.70 20.86 13.03
N VAL D 29 -18.20 20.19 12.00
CA VAL D 29 -17.36 19.28 11.21
C VAL D 29 -16.22 20.06 10.56
N SER D 30 -16.52 21.25 10.02
CA SER D 30 -15.49 22.03 9.34
C SER D 30 -14.42 22.55 10.28
N SER D 31 -14.62 22.45 11.59
CA SER D 31 -13.69 22.98 12.56
C SER D 31 -12.91 21.91 13.31
N ASN D 32 -13.09 20.64 12.95
CA ASN D 32 -12.52 19.53 13.68
C ASN D 32 -11.73 18.61 12.75
N TYR D 33 -10.83 17.83 13.35
CA TYR D 33 -10.33 16.63 12.71
C TYR D 33 -11.47 15.62 12.61
N MET D 34 -11.76 15.16 11.41
CA MET D 34 -12.82 14.19 11.20
C MET D 34 -12.24 12.98 10.47
N SER D 35 -12.44 11.79 11.04
CA SER D 35 -11.87 10.57 10.52
C SER D 35 -12.95 9.55 10.19
N TRP D 36 -12.56 8.57 9.37
CA TRP D 36 -13.37 7.40 9.07
C TRP D 36 -12.60 6.16 9.49
N VAL D 37 -13.24 5.29 10.26
CA VAL D 37 -12.65 4.04 10.73
C VAL D 37 -13.58 2.91 10.37
N ARG D 38 -13.08 1.93 9.63
CA ARG D 38 -13.89 0.79 9.22
C ARG D 38 -13.47 -0.46 9.98
N GLN D 39 -14.33 -1.47 9.91
CA GLN D 39 -14.08 -2.73 10.62
C GLN D 39 -14.73 -3.84 9.81
N ALA D 40 -13.90 -4.69 9.21
CA ALA D 40 -14.40 -5.83 8.45
C ALA D 40 -15.05 -6.84 9.40
N PRO D 41 -16.03 -7.60 8.92
CA PRO D 41 -16.75 -8.53 9.80
C PRO D 41 -15.80 -9.50 10.49
N GLY D 42 -15.93 -9.59 11.82
CA GLY D 42 -15.10 -10.44 12.63
C GLY D 42 -13.67 -9.97 12.81
N LYS D 43 -13.29 -8.83 12.23
CA LYS D 43 -11.92 -8.36 12.27
C LYS D 43 -11.82 -7.11 13.15
N GLY D 44 -10.63 -6.52 13.17
CA GLY D 44 -10.35 -5.39 14.04
C GLY D 44 -10.60 -4.05 13.35
N LEU D 45 -10.12 -3.00 14.01
CA LEU D 45 -10.35 -1.63 13.56
C LEU D 45 -9.24 -1.18 12.63
N GLU D 46 -9.61 -0.39 11.62
CA GLU D 46 -8.66 0.14 10.64
C GLU D 46 -9.00 1.58 10.34
N TRP D 47 -8.04 2.48 10.53
CA TRP D 47 -8.24 3.87 10.15
C TRP D 47 -8.19 4.02 8.63
N VAL D 48 -9.16 4.75 8.09
CA VAL D 48 -9.33 4.88 6.64
C VAL D 48 -8.84 6.24 6.14
N SER D 49 -9.40 7.32 6.66
CA SER D 49 -9.02 8.64 6.19
C SER D 49 -9.35 9.68 7.26
N VAL D 50 -8.82 10.88 7.05
CA VAL D 50 -9.07 12.01 7.95
C VAL D 50 -9.05 13.27 7.12
N ILE D 51 -9.77 14.29 7.58
CA ILE D 51 -9.78 15.60 6.97
C ILE D 51 -9.49 16.63 8.06
N TYR D 52 -8.53 17.51 7.80
CA TYR D 52 -8.19 18.55 8.75
C TYR D 52 -9.18 19.71 8.63
N SER D 53 -9.27 20.51 9.70
CA SER D 53 -10.10 21.70 9.64
C SER D 53 -9.60 22.68 8.58
N GLY D 54 -8.29 22.70 8.34
CA GLY D 54 -7.73 23.53 7.30
C GLY D 54 -7.89 23.01 5.90
N GLY D 55 -8.38 21.79 5.72
CA GLY D 55 -8.71 21.24 4.42
C GLY D 55 -7.88 20.06 3.98
N SER D 56 -6.70 19.84 4.57
CA SER D 56 -5.85 18.73 4.16
C SER D 56 -6.54 17.39 4.44
N THR D 57 -6.33 16.43 3.54
CA THR D 57 -6.91 15.09 3.68
C THR D 57 -5.80 14.06 3.57
N PHE D 58 -6.00 12.94 4.25
CA PHE D 58 -5.04 11.84 4.23
C PHE D 58 -5.80 10.51 4.22
N TYR D 59 -5.18 9.50 3.62
CA TYR D 59 -5.84 8.22 3.43
C TYR D 59 -4.87 7.09 3.74
N ALA D 60 -5.43 5.97 4.20
CA ALA D 60 -4.65 4.76 4.40
C ALA D 60 -4.28 4.16 3.05
N ASP D 61 -3.12 3.50 3.01
CA ASP D 61 -2.62 2.93 1.75
C ASP D 61 -3.62 1.97 1.13
N SER D 62 -4.40 1.27 1.95
CA SER D 62 -5.36 0.30 1.44
C SER D 62 -6.55 0.95 0.74
N VAL D 63 -6.68 2.28 0.77
CA VAL D 63 -7.79 2.97 0.11
C VAL D 63 -7.33 4.16 -0.71
N LYS D 64 -6.03 4.49 -0.70
CA LYS D 64 -5.54 5.64 -1.45
C LYS D 64 -5.80 5.47 -2.94
N GLY D 65 -6.32 6.54 -3.56
CA GLY D 65 -6.69 6.51 -4.96
C GLY D 65 -8.12 6.10 -5.23
N ARG D 66 -8.82 5.55 -4.24
CA ARG D 66 -10.20 5.12 -4.43
C ARG D 66 -11.19 5.84 -3.53
N PHE D 67 -10.78 6.31 -2.36
CA PHE D 67 -11.67 6.99 -1.44
C PHE D 67 -11.38 8.48 -1.43
N THR D 68 -12.43 9.28 -1.23
CA THR D 68 -12.30 10.74 -1.14
C THR D 68 -13.17 11.23 0.00
N ILE D 69 -12.55 11.75 1.05
CA ILE D 69 -13.27 12.28 2.20
C ILE D 69 -13.53 13.75 1.96
N SER D 70 -14.73 14.20 2.33
CA SER D 70 -15.12 15.59 2.12
C SER D 70 -16.11 15.99 3.21
N ARG D 71 -16.54 17.25 3.14
CA ARG D 71 -17.50 17.75 4.12
C ARG D 71 -18.34 18.84 3.49
N ASP D 72 -19.51 19.06 4.08
CA ASP D 72 -20.41 20.14 3.69
C ASP D 72 -20.67 20.98 4.93
N ASN D 73 -20.11 22.19 4.96
CA ASN D 73 -20.23 23.04 6.14
C ASN D 73 -21.67 23.45 6.40
N SER D 74 -22.41 23.81 5.34
CA SER D 74 -23.78 24.26 5.52
C SER D 74 -24.66 23.16 6.11
N LYS D 75 -24.42 21.91 5.72
CA LYS D 75 -25.14 20.79 6.29
C LYS D 75 -24.46 20.21 7.52
N ASN D 76 -23.24 20.65 7.83
CA ASN D 76 -22.47 20.15 8.97
C ASN D 76 -22.37 18.62 8.91
N THR D 77 -21.89 18.11 7.78
CA THR D 77 -21.90 16.68 7.54
C THR D 77 -20.57 16.25 6.92
N LEU D 78 -20.03 15.15 7.43
CA LEU D 78 -18.83 14.53 6.87
C LEU D 78 -19.25 13.50 5.82
N TYR D 79 -18.45 13.39 4.77
CA TYR D 79 -18.73 12.47 3.68
C TYR D 79 -17.50 11.61 3.39
N LEU D 80 -17.76 10.40 2.87
CA LEU D 80 -16.70 9.51 2.41
C LEU D 80 -17.16 8.89 1.09
N GLN D 81 -16.57 9.35 -0.01
CA GLN D 81 -16.88 8.82 -1.34
C GLN D 81 -15.97 7.63 -1.63
N MET D 82 -16.57 6.46 -1.80
CA MET D 82 -15.83 5.22 -1.99
C MET D 82 -16.03 4.74 -3.43
N ASN D 83 -14.93 4.54 -4.15
CA ASN D 83 -14.96 4.06 -5.52
C ASN D 83 -14.20 2.76 -5.64
N SER D 84 -14.41 2.09 -6.78
CA SER D 84 -13.70 0.85 -7.13
C SER D 84 -13.78 -0.18 -6.00
N LEU D 85 -14.98 -0.32 -5.44
CA LEU D 85 -15.16 -1.14 -4.26
C LEU D 85 -15.01 -2.62 -4.58
N GLY D 86 -14.36 -3.35 -3.66
CA GLY D 86 -14.20 -4.78 -3.78
C GLY D 86 -14.59 -5.50 -2.50
N ALA D 87 -14.30 -6.81 -2.43
CA ALA D 87 -14.65 -7.56 -1.23
C ALA D 87 -13.90 -7.06 0.00
N GLU D 88 -12.66 -6.60 -0.18
CA GLU D 88 -11.88 -6.11 0.94
C GLU D 88 -12.44 -4.82 1.54
N ASP D 89 -13.45 -4.22 0.93
CA ASP D 89 -14.06 -3.01 1.45
C ASP D 89 -15.35 -3.27 2.22
N THR D 90 -15.85 -4.51 2.20
CA THR D 90 -17.04 -4.85 2.96
C THR D 90 -16.72 -4.75 4.45
N ALA D 91 -17.32 -3.78 5.12
CA ALA D 91 -17.03 -3.52 6.52
C ALA D 91 -18.09 -2.58 7.07
N VAL D 92 -18.07 -2.42 8.38
CA VAL D 92 -18.84 -1.38 9.05
C VAL D 92 -17.97 -0.15 9.13
N TYR D 93 -18.45 0.96 8.59
CA TYR D 93 -17.68 2.21 8.53
C TYR D 93 -18.17 3.15 9.62
N TYR D 94 -17.24 3.61 10.45
CA TYR D 94 -17.53 4.57 11.51
C TYR D 94 -16.90 5.90 11.18
N CYS D 95 -17.59 6.99 11.52
CA CYS D 95 -16.98 8.31 11.54
C CYS D 95 -16.70 8.69 12.98
N ALA D 96 -15.67 9.51 13.18
CA ALA D 96 -15.32 9.95 14.52
C ALA D 96 -14.57 11.27 14.42
N ARG D 97 -14.67 12.05 15.49
CA ARG D 97 -13.92 13.29 15.61
C ARG D 97 -12.54 12.98 16.20
N GLY D 98 -11.50 13.49 15.58
CA GLY D 98 -10.15 13.31 16.04
C GLY D 98 -9.30 12.53 15.04
N GLU D 99 -8.06 12.22 15.47
CA GLU D 99 -7.13 11.49 14.63
C GLU D 99 -6.26 10.53 15.44
N GLY D 100 -6.66 10.20 16.67
CA GLY D 100 -5.92 9.23 17.45
C GLY D 100 -4.55 9.68 17.92
N SER D 101 -4.30 10.97 17.91
CA SER D 101 -3.04 11.53 18.39
C SER D 101 -3.25 12.21 19.74
N PRO D 102 -2.17 12.51 20.48
CA PRO D 102 -2.36 13.17 21.78
C PRO D 102 -3.11 14.49 21.64
N GLY D 103 -4.06 14.70 22.55
CA GLY D 103 -4.93 15.86 22.48
C GLY D 103 -5.85 15.88 21.28
N ASN D 104 -6.13 14.72 20.69
CA ASN D 104 -6.83 14.63 19.42
C ASN D 104 -7.27 13.19 19.16
N TRP D 105 -7.89 12.57 20.15
CA TRP D 105 -8.28 11.17 20.05
C TRP D 105 -9.61 11.02 19.34
N PHE D 106 -9.97 9.78 19.03
CA PHE D 106 -11.23 9.46 18.37
C PHE D 106 -12.35 9.55 19.42
N ASP D 107 -13.11 10.64 19.37
CA ASP D 107 -14.18 10.91 20.31
C ASP D 107 -14.96 12.14 19.86
N PRO D 108 -16.29 12.02 19.63
CA PRO D 108 -17.07 10.80 19.75
C PRO D 108 -17.10 9.99 18.46
N TRP D 109 -17.76 8.84 18.49
CA TRP D 109 -17.90 7.96 17.35
C TRP D 109 -19.34 7.94 16.86
N GLY D 110 -19.52 7.62 15.58
CA GLY D 110 -20.84 7.40 15.04
C GLY D 110 -21.31 5.97 15.25
N GLN D 111 -22.60 5.75 15.02
CA GLN D 111 -23.17 4.43 15.23
C GLN D 111 -22.68 3.43 14.18
N GLY D 112 -22.09 3.90 13.09
CA GLY D 112 -21.55 3.02 12.07
C GLY D 112 -22.59 2.51 11.10
N THR D 113 -22.20 2.34 9.84
CA THR D 113 -23.08 1.78 8.81
C THR D 113 -22.33 0.68 8.07
N LEU D 114 -23.08 -0.31 7.60
CA LEU D 114 -22.52 -1.53 7.01
C LEU D 114 -22.58 -1.43 5.50
N VAL D 115 -21.40 -1.56 4.86
CA VAL D 115 -21.30 -1.58 3.41
C VAL D 115 -21.02 -3.01 2.99
N THR D 116 -21.91 -3.57 2.15
CA THR D 116 -21.78 -4.93 1.66
C THR D 116 -21.51 -4.89 0.17
N VAL D 117 -20.36 -5.43 -0.24
CA VAL D 117 -19.95 -5.46 -1.64
C VAL D 117 -20.17 -6.87 -2.17
N SER D 118 -21.21 -7.04 -2.98
CA SER D 118 -21.49 -8.33 -3.59
C SER D 118 -22.21 -8.12 -4.91
N SER D 119 -22.23 -9.18 -5.72
CA SER D 119 -22.93 -9.19 -7.00
C SER D 119 -24.40 -9.52 -6.87
N ALA D 120 -24.88 -9.79 -5.66
CA ALA D 120 -26.27 -10.18 -5.45
C ALA D 120 -27.18 -8.95 -5.49
N SER D 121 -28.46 -9.14 -5.16
CA SER D 121 -29.46 -8.09 -5.25
C SER D 121 -30.11 -7.87 -3.90
N THR D 122 -30.61 -6.66 -3.70
CA THR D 122 -31.31 -6.34 -2.45
C THR D 122 -32.67 -7.02 -2.44
N LYS D 123 -32.98 -7.69 -1.33
CA LYS D 123 -34.24 -8.39 -1.17
C LYS D 123 -34.80 -8.08 0.21
N GLY D 124 -36.07 -7.70 0.26
CA GLY D 124 -36.73 -7.37 1.51
C GLY D 124 -37.14 -8.62 2.27
N PRO D 125 -37.25 -8.48 3.59
CA PRO D 125 -37.52 -9.65 4.43
C PRO D 125 -39.00 -9.99 4.53
N SER D 126 -39.25 -11.24 4.89
CA SER D 126 -40.58 -11.69 5.30
C SER D 126 -40.53 -12.01 6.79
N VAL D 127 -41.58 -11.60 7.50
CA VAL D 127 -41.63 -11.72 8.95
C VAL D 127 -42.78 -12.67 9.31
N PHE D 128 -42.47 -13.68 10.11
CA PHE D 128 -43.45 -14.64 10.59
C PHE D 128 -43.39 -14.74 12.10
N PRO D 129 -44.51 -15.02 12.74
CA PRO D 129 -44.53 -15.06 14.21
C PRO D 129 -44.04 -16.40 14.75
N LEU D 130 -43.47 -16.35 15.95
CA LEU D 130 -43.15 -17.54 16.73
C LEU D 130 -44.09 -17.54 17.94
N ALA D 131 -45.16 -18.31 17.83
CA ALA D 131 -46.26 -18.25 18.80
C ALA D 131 -45.96 -19.12 20.02
N PRO D 132 -46.27 -18.60 21.21
CA PRO D 132 -46.12 -19.41 22.43
C PRO D 132 -47.19 -20.50 22.50
N SER D 133 -46.94 -21.47 23.38
CA SER D 133 -47.83 -22.60 23.56
C SER D 133 -48.68 -22.42 24.81
N SER D 134 -49.31 -23.50 25.26
CA SER D 134 -50.15 -23.47 26.45
C SER D 134 -49.36 -23.92 27.69
N GLY D 140 -44.41 -21.48 33.98
CA GLY D 140 -44.04 -20.27 34.69
C GLY D 140 -43.87 -19.07 33.77
N THR D 141 -42.91 -19.17 32.86
CA THR D 141 -42.61 -18.11 31.90
C THR D 141 -42.69 -18.66 30.48
N ALA D 142 -43.26 -17.87 29.58
CA ALA D 142 -43.44 -18.24 28.19
C ALA D 142 -42.48 -17.46 27.30
N ALA D 143 -42.25 -18.00 26.10
CA ALA D 143 -41.33 -17.40 25.14
C ALA D 143 -42.04 -17.25 23.79
N LEU D 144 -41.90 -16.06 23.20
CA LEU D 144 -42.44 -15.79 21.87
C LEU D 144 -41.37 -15.09 21.05
N GLY D 145 -41.61 -14.94 19.76
CA GLY D 145 -40.60 -14.33 18.93
C GLY D 145 -41.07 -14.07 17.52
N CYS D 146 -40.14 -13.55 16.71
CA CYS D 146 -40.35 -13.25 15.31
C CYS D 146 -39.26 -13.91 14.47
N LEU D 147 -39.65 -14.45 13.32
CA LEU D 147 -38.72 -15.06 12.37
C LEU D 147 -38.63 -14.16 11.15
N VAL D 148 -37.48 -13.55 10.95
CA VAL D 148 -37.21 -12.68 9.80
C VAL D 148 -36.40 -13.48 8.79
N LYS D 149 -36.98 -13.70 7.62
CA LYS D 149 -36.47 -14.70 6.68
C LYS D 149 -36.30 -14.11 5.29
N ASP D 150 -35.19 -14.51 4.64
CA ASP D 150 -34.96 -14.29 3.21
C ASP D 150 -34.85 -12.79 2.89
N TYR D 151 -33.79 -12.19 3.40
CA TYR D 151 -33.46 -10.81 3.11
C TYR D 151 -31.98 -10.70 2.76
N PHE D 152 -31.64 -9.62 2.05
CA PHE D 152 -30.26 -9.36 1.65
C PHE D 152 -30.16 -7.91 1.23
N PRO D 153 -29.10 -7.20 1.60
CA PRO D 153 -28.06 -7.74 2.48
C PRO D 153 -28.38 -7.50 3.95
N GLU D 154 -27.37 -7.64 4.80
CA GLU D 154 -27.51 -7.23 6.19
C GLU D 154 -27.48 -5.70 6.27
N PRO D 155 -27.99 -5.13 7.38
CA PRO D 155 -28.58 -5.77 8.54
C PRO D 155 -30.09 -5.61 8.66
N VAL D 156 -30.67 -6.30 9.63
CA VAL D 156 -32.03 -6.02 10.08
C VAL D 156 -31.96 -5.77 11.58
N THR D 157 -32.84 -4.89 12.05
CA THR D 157 -32.95 -4.58 13.47
C THR D 157 -34.37 -4.87 13.93
N VAL D 158 -34.49 -5.55 15.07
CA VAL D 158 -35.78 -5.97 15.61
C VAL D 158 -35.91 -5.41 17.01
N SER D 159 -36.97 -4.65 17.24
CA SER D 159 -37.34 -4.20 18.58
C SER D 159 -38.72 -4.76 18.91
N TRP D 160 -39.09 -4.65 20.18
CA TRP D 160 -40.36 -5.17 20.67
C TRP D 160 -41.16 -4.05 21.31
N ASN D 161 -42.40 -3.88 20.86
CA ASN D 161 -43.28 -2.82 21.36
C ASN D 161 -42.61 -1.46 21.27
N SER D 162 -41.96 -1.21 20.13
CA SER D 162 -41.27 0.05 19.83
C SER D 162 -40.30 0.48 20.93
N GLY D 163 -39.60 -0.47 21.54
CA GLY D 163 -38.65 -0.15 22.59
C GLY D 163 -39.18 -0.30 24.00
N ALA D 164 -40.49 -0.44 24.18
CA ALA D 164 -41.05 -0.57 25.51
C ALA D 164 -40.72 -1.90 26.17
N LEU D 165 -40.37 -2.91 25.39
CA LEU D 165 -40.03 -4.23 25.89
C LEU D 165 -38.58 -4.52 25.54
N THR D 166 -37.71 -4.50 26.53
CA THR D 166 -36.29 -4.73 26.33
C THR D 166 -35.73 -5.86 27.17
N SER D 167 -36.26 -6.09 28.37
CA SER D 167 -35.75 -7.14 29.24
C SER D 167 -36.13 -8.51 28.68
N GLY D 168 -35.14 -9.39 28.55
CA GLY D 168 -35.37 -10.73 28.08
C GLY D 168 -35.36 -10.89 26.58
N VAL D 169 -35.13 -9.82 25.83
CA VAL D 169 -35.08 -9.88 24.38
C VAL D 169 -33.75 -10.48 23.94
N HIS D 170 -33.81 -11.39 22.97
CA HIS D 170 -32.63 -11.99 22.37
C HIS D 170 -32.81 -11.99 20.85
N THR D 171 -31.96 -11.27 20.15
CA THR D 171 -31.96 -11.26 18.69
C THR D 171 -30.69 -11.96 18.21
N PHE D 172 -30.87 -13.07 17.51
CA PHE D 172 -29.75 -13.92 17.13
C PHE D 172 -29.06 -13.37 15.88
N PRO D 173 -27.77 -13.67 15.72
CA PRO D 173 -27.07 -13.26 14.50
C PRO D 173 -27.71 -13.90 13.27
N ALA D 174 -27.61 -13.19 12.15
CA ALA D 174 -28.17 -13.69 10.91
C ALA D 174 -27.33 -14.84 10.38
N VAL D 175 -27.99 -15.91 9.96
CA VAL D 175 -27.32 -17.04 9.32
C VAL D 175 -27.53 -16.94 7.82
N LEU D 176 -26.46 -17.18 7.07
CA LEU D 176 -26.54 -17.16 5.61
C LEU D 176 -27.12 -18.50 5.16
N GLN D 177 -28.36 -18.48 4.69
CA GLN D 177 -29.00 -19.68 4.20
C GLN D 177 -28.34 -20.13 2.89
N SER D 178 -28.55 -21.40 2.55
CA SER D 178 -27.94 -21.96 1.35
C SER D 178 -28.46 -21.29 0.07
N SER D 179 -29.48 -20.46 0.17
CA SER D 179 -30.01 -19.73 -0.99
C SER D 179 -29.38 -18.37 -1.17
N GLY D 180 -28.38 -18.01 -0.36
CA GLY D 180 -27.75 -16.72 -0.45
C GLY D 180 -28.46 -15.61 0.31
N LEU D 181 -29.61 -15.89 0.91
CA LEU D 181 -30.36 -14.91 1.68
C LEU D 181 -30.16 -15.16 3.17
N TYR D 182 -30.26 -14.09 3.95
CA TYR D 182 -30.08 -14.17 5.39
C TYR D 182 -31.39 -14.50 6.10
N SER D 183 -31.27 -14.87 7.37
CA SER D 183 -32.42 -15.21 8.19
C SER D 183 -31.99 -15.14 9.65
N LEU D 184 -32.81 -14.49 10.48
CA LEU D 184 -32.59 -14.49 11.91
C LEU D 184 -33.93 -14.54 12.63
N SER D 185 -33.84 -14.79 13.93
CA SER D 185 -34.99 -14.83 14.83
C SER D 185 -34.73 -13.91 16.00
N SER D 186 -35.79 -13.22 16.44
CA SER D 186 -35.75 -12.40 17.64
C SER D 186 -36.76 -12.96 18.62
N VAL D 187 -36.29 -13.38 19.79
CA VAL D 187 -37.16 -13.99 20.79
C VAL D 187 -37.13 -13.16 22.06
N VAL D 188 -38.17 -13.32 22.87
CA VAL D 188 -38.27 -12.66 24.16
C VAL D 188 -39.09 -13.55 25.08
N THR D 189 -38.68 -13.61 26.34
CA THR D 189 -39.37 -14.40 27.35
C THR D 189 -40.25 -13.49 28.20
N VAL D 190 -41.50 -13.87 28.37
CA VAL D 190 -42.47 -13.09 29.15
C VAL D 190 -43.18 -14.03 30.11
N PRO D 191 -43.75 -13.50 31.19
CA PRO D 191 -44.55 -14.35 32.07
C PRO D 191 -45.79 -14.87 31.37
N SER D 192 -46.14 -16.12 31.65
CA SER D 192 -47.26 -16.77 30.97
C SER D 192 -48.59 -16.08 31.26
N SER D 193 -48.70 -15.36 32.39
CA SER D 193 -49.96 -14.76 32.78
C SER D 193 -50.33 -13.58 31.88
N SER D 194 -49.34 -12.93 31.28
CA SER D 194 -49.57 -11.74 30.48
C SER D 194 -49.76 -12.04 29.00
N LEU D 195 -49.99 -13.30 28.62
CA LEU D 195 -50.16 -13.63 27.22
C LEU D 195 -51.50 -13.10 26.68
N GLY D 196 -52.57 -13.23 27.46
CA GLY D 196 -53.87 -12.79 27.03
C GLY D 196 -54.21 -11.35 27.36
N THR D 197 -53.42 -10.70 28.23
CA THR D 197 -53.70 -9.34 28.63
C THR D 197 -52.60 -8.37 28.23
N GLN D 198 -51.68 -8.79 27.35
CA GLN D 198 -50.62 -7.92 26.86
C GLN D 198 -50.35 -8.23 25.40
N THR D 199 -50.36 -7.21 24.56
CA THR D 199 -50.09 -7.36 23.14
C THR D 199 -48.59 -7.23 22.89
N TYR D 200 -48.05 -8.14 22.09
CA TYR D 200 -46.63 -8.17 21.77
C TYR D 200 -46.46 -7.97 20.27
N ILE D 201 -45.72 -6.93 19.90
CA ILE D 201 -45.45 -6.60 18.51
C ILE D 201 -43.95 -6.44 18.34
N CYS D 202 -43.37 -7.19 17.40
CA CYS D 202 -41.97 -7.01 17.05
C CYS D 202 -41.88 -6.05 15.88
N ASN D 203 -40.86 -5.20 15.89
CA ASN D 203 -40.68 -4.14 14.91
C ASN D 203 -39.41 -4.43 14.13
N VAL D 204 -39.58 -4.87 12.88
CA VAL D 204 -38.47 -5.32 12.04
C VAL D 204 -38.15 -4.21 11.05
N ASN D 205 -36.87 -3.81 10.99
CA ASN D 205 -36.41 -2.76 10.09
C ASN D 205 -35.24 -3.29 9.28
N HIS D 206 -35.43 -3.41 7.97
CA HIS D 206 -34.37 -3.78 7.03
C HIS D 206 -33.98 -2.51 6.29
N LYS D 207 -32.95 -1.82 6.81
CA LYS D 207 -32.56 -0.53 6.25
C LYS D 207 -32.23 -0.57 4.77
N PRO D 208 -31.46 -1.53 4.25
CA PRO D 208 -31.10 -1.48 2.82
C PRO D 208 -32.27 -1.46 1.87
N SER D 209 -33.47 -1.84 2.31
CA SER D 209 -34.65 -1.86 1.45
C SER D 209 -35.80 -1.03 2.00
N ASN D 210 -35.58 -0.27 3.07
CA ASN D 210 -36.60 0.58 3.69
C ASN D 210 -37.81 -0.24 4.14
N THR D 211 -37.59 -1.51 4.45
CA THR D 211 -38.68 -2.41 4.81
C THR D 211 -38.87 -2.38 6.33
N LYS D 212 -40.00 -1.83 6.76
CA LYS D 212 -40.34 -1.74 8.17
C LYS D 212 -41.63 -2.52 8.38
N VAL D 213 -41.53 -3.65 9.08
CA VAL D 213 -42.66 -4.57 9.27
C VAL D 213 -42.95 -4.66 10.76
N ASP D 214 -44.23 -4.55 11.10
CA ASP D 214 -44.72 -4.75 12.47
C ASP D 214 -45.55 -6.02 12.51
N LYS D 215 -45.15 -6.97 13.35
CA LYS D 215 -45.80 -8.27 13.44
C LYS D 215 -46.32 -8.46 14.85
N LYS D 216 -47.64 -8.66 14.98
CA LYS D 216 -48.23 -8.99 16.27
C LYS D 216 -48.10 -10.49 16.51
N VAL D 217 -47.57 -10.85 17.67
CA VAL D 217 -47.35 -12.26 18.03
C VAL D 217 -48.37 -12.62 19.10
N GLU D 218 -49.31 -13.49 18.73
CA GLU D 218 -50.39 -13.92 19.60
C GLU D 218 -50.38 -15.44 19.73
N PRO D 219 -50.91 -15.97 20.84
CA PRO D 219 -51.09 -17.42 20.93
C PRO D 219 -52.08 -17.91 19.87
N LYS D 220 -51.91 -19.16 19.47
CA LYS D 220 -52.77 -19.79 18.48
C LYS D 220 -53.85 -20.59 19.18
N SER D 221 -55.09 -20.45 18.72
CA SER D 221 -56.23 -21.17 19.29
C SER D 221 -56.35 -22.53 18.60
N CYS D 222 -56.28 -23.60 19.41
CA CYS D 222 -56.38 -24.96 18.86
C CYS D 222 -57.78 -25.24 18.35
N ASP E 1 6.80 4.54 12.15
CA ASP E 1 5.97 3.35 12.13
C ASP E 1 6.39 2.36 13.21
N VAL E 2 5.50 2.11 14.17
CA VAL E 2 5.75 1.20 15.28
C VAL E 2 4.59 0.22 15.35
N VAL E 3 4.91 -1.07 15.40
CA VAL E 3 3.91 -2.13 15.42
C VAL E 3 3.62 -2.50 16.87
N MET E 4 2.36 -2.40 17.25
CA MET E 4 1.88 -2.79 18.57
C MET E 4 1.24 -4.17 18.52
N THR E 5 1.33 -4.90 19.62
CA THR E 5 0.77 -6.23 19.72
C THR E 5 0.08 -6.41 21.06
N GLN E 6 -1.17 -6.86 21.04
CA GLN E 6 -1.93 -7.09 22.26
C GLN E 6 -1.92 -8.56 22.64
N SER E 7 -2.01 -8.81 23.95
CA SER E 7 -1.99 -10.16 24.47
C SER E 7 -2.74 -10.16 25.80
N PRO E 8 -3.54 -11.20 26.08
CA PRO E 8 -3.79 -12.32 25.17
C PRO E 8 -4.85 -11.98 24.14
N GLY E 9 -5.17 -12.92 23.25
CA GLY E 9 -6.27 -12.69 22.33
C GLY E 9 -7.61 -12.66 23.04
N THR E 10 -7.86 -13.67 23.88
CA THR E 10 -9.08 -13.76 24.66
C THR E 10 -8.73 -13.93 26.13
N LEU E 11 -9.59 -13.40 26.99
CA LEU E 11 -9.43 -13.45 28.43
C LEU E 11 -10.75 -13.89 29.05
N SER E 12 -10.69 -14.86 29.96
CA SER E 12 -11.88 -15.39 30.62
C SER E 12 -11.69 -15.29 32.13
N LEU E 13 -12.44 -14.38 32.75
CA LEU E 13 -12.32 -14.15 34.19
C LEU E 13 -13.70 -14.01 34.81
N SER E 14 -13.83 -14.51 36.03
CA SER E 14 -15.10 -14.44 36.74
C SER E 14 -15.38 -12.99 37.17
N PRO E 15 -16.64 -12.66 37.43
CA PRO E 15 -16.95 -11.30 37.91
C PRO E 15 -16.31 -11.05 39.26
N GLY E 16 -15.77 -9.83 39.41
CA GLY E 16 -15.09 -9.44 40.63
C GLY E 16 -13.59 -9.63 40.62
N GLU E 17 -13.03 -10.27 39.59
CA GLU E 17 -11.59 -10.46 39.51
C GLU E 17 -10.94 -9.29 38.80
N ARG E 18 -9.61 -9.32 38.73
CA ARG E 18 -8.82 -8.25 38.15
C ARG E 18 -8.33 -8.68 36.78
N ALA E 19 -8.67 -7.90 35.76
CA ALA E 19 -8.27 -8.17 34.39
C ALA E 19 -7.07 -7.32 34.01
N THR E 20 -6.09 -7.95 33.36
CA THR E 20 -4.87 -7.28 32.93
C THR E 20 -4.68 -7.48 31.44
N LEU E 21 -4.78 -6.40 30.67
CA LEU E 21 -4.64 -6.44 29.22
C LEU E 21 -3.37 -5.71 28.82
N SER E 22 -2.58 -6.33 27.96
CA SER E 22 -1.26 -5.81 27.58
C SER E 22 -1.26 -5.36 26.12
N CYS E 23 -0.39 -4.36 25.86
CA CYS E 23 -0.20 -3.76 24.53
C CYS E 23 1.29 -3.44 24.42
N ARG E 24 2.08 -4.44 24.01
CA ARG E 24 3.52 -4.29 23.90
C ARG E 24 3.91 -3.79 22.52
N ALA E 25 5.01 -3.04 22.46
CA ALA E 25 5.48 -2.43 21.23
C ALA E 25 6.90 -2.88 20.92
N SER E 26 7.23 -2.89 19.62
CA SER E 26 8.56 -3.27 19.19
C SER E 26 9.60 -2.24 19.64
N GLN E 27 9.28 -0.95 19.52
CA GLN E 27 10.13 0.15 19.94
C GLN E 27 9.47 0.86 21.12
N SER E 28 10.18 1.85 21.66
CA SER E 28 9.63 2.63 22.77
C SER E 28 8.72 3.73 22.24
N VAL E 29 7.51 3.79 22.78
CA VAL E 29 6.49 4.74 22.33
C VAL E 29 6.16 5.67 23.50
N PRO E 30 6.04 6.98 23.28
CA PRO E 30 5.64 7.87 24.37
C PRO E 30 4.29 7.48 24.95
N SER E 31 4.19 7.56 26.28
CA SER E 31 2.94 7.24 26.95
C SER E 31 1.82 8.19 26.53
N SER E 32 2.16 9.44 26.23
CA SER E 32 1.13 10.41 25.85
C SER E 32 0.46 10.05 24.54
N TYR E 33 1.05 9.17 23.75
CA TYR E 33 0.51 8.78 22.45
C TYR E 33 -0.32 7.51 22.50
N LEU E 34 -0.52 6.92 23.68
CA LEU E 34 -1.19 5.64 23.81
C LEU E 34 -2.63 5.84 24.29
N ALA E 35 -3.55 5.07 23.73
CA ALA E 35 -4.96 5.17 24.09
C ALA E 35 -5.59 3.78 24.06
N TRP E 36 -6.71 3.65 24.77
CA TRP E 36 -7.47 2.41 24.83
C TRP E 36 -8.92 2.67 24.45
N TYR E 37 -9.50 1.74 23.70
CA TYR E 37 -10.89 1.84 23.28
C TYR E 37 -11.64 0.56 23.64
N GLN E 38 -12.85 0.73 24.15
CA GLN E 38 -13.74 -0.39 24.43
C GLN E 38 -14.82 -0.45 23.37
N GLN E 39 -15.09 -1.66 22.87
CA GLN E 39 -16.18 -1.88 21.91
C GLN E 39 -16.99 -3.07 22.39
N LYS E 40 -18.23 -2.80 22.81
CA LYS E 40 -19.17 -3.85 23.18
C LYS E 40 -19.87 -4.38 21.94
N PRO E 41 -20.39 -5.62 22.01
CA PRO E 41 -21.02 -6.21 20.82
C PRO E 41 -22.16 -5.34 20.28
N GLY E 42 -22.16 -5.16 18.96
CA GLY E 42 -23.21 -4.40 18.31
C GLY E 42 -23.13 -2.90 18.49
N GLN E 43 -22.07 -2.39 19.08
CA GLN E 43 -21.92 -0.96 19.35
C GLN E 43 -20.64 -0.43 18.72
N ALA E 44 -20.50 0.89 18.76
CA ALA E 44 -19.30 1.56 18.28
C ALA E 44 -18.24 1.57 19.38
N PRO E 45 -16.97 1.61 19.00
CA PRO E 45 -15.91 1.71 20.00
C PRO E 45 -16.03 3.00 20.81
N ARG E 46 -15.68 2.92 22.08
CA ARG E 46 -15.76 4.04 23.01
C ARG E 46 -14.37 4.31 23.57
N LEU E 47 -13.98 5.58 23.58
CA LEU E 47 -12.70 5.95 24.17
C LEU E 47 -12.70 5.64 25.66
N LEU E 48 -11.76 4.80 26.09
CA LEU E 48 -11.68 4.33 27.46
C LEU E 48 -10.60 5.07 28.25
N ILE E 49 -9.34 4.92 27.84
CA ILE E 49 -8.21 5.61 28.44
C ILE E 49 -7.42 6.29 27.32
N TYR E 50 -7.02 7.53 27.55
CA TYR E 50 -6.12 8.24 26.65
C TYR E 50 -4.88 8.69 27.42
N GLY E 51 -3.81 8.96 26.67
CA GLY E 51 -2.56 9.32 27.30
C GLY E 51 -2.02 8.23 28.21
N ALA E 52 -2.20 6.97 27.83
CA ALA E 52 -1.72 5.80 28.55
C ALA E 52 -2.45 5.58 29.88
N SER E 53 -2.70 6.65 30.63
CA SER E 53 -3.22 6.51 31.99
C SER E 53 -4.43 7.39 32.30
N THR E 54 -4.68 8.45 31.55
CA THR E 54 -5.77 9.37 31.87
C THR E 54 -7.11 8.77 31.45
N ARG E 55 -8.05 8.74 32.40
CA ARG E 55 -9.35 8.12 32.16
C ARG E 55 -10.27 9.10 31.43
N ALA E 56 -11.02 8.59 30.47
CA ALA E 56 -11.93 9.42 29.70
C ALA E 56 -13.13 9.83 30.55
N THR E 57 -13.87 10.82 30.06
CA THR E 57 -15.01 11.35 30.79
C THR E 57 -16.11 10.30 30.91
N GLY E 58 -16.67 10.16 32.11
CA GLY E 58 -17.74 9.23 32.34
C GLY E 58 -17.34 7.77 32.40
N ILE E 59 -16.05 7.47 32.44
CA ILE E 59 -15.58 6.08 32.48
C ILE E 59 -15.43 5.67 33.94
N PRO E 60 -15.94 4.51 34.34
CA PRO E 60 -15.86 4.11 35.75
C PRO E 60 -14.43 4.01 36.23
N ASP E 61 -14.27 4.16 37.54
CA ASP E 61 -12.94 4.16 38.16
C ASP E 61 -12.25 2.80 38.06
N ARG E 62 -13.00 1.72 37.82
CA ARG E 62 -12.39 0.40 37.75
C ARG E 62 -11.54 0.20 36.52
N PHE E 63 -11.62 1.09 35.54
CA PHE E 63 -10.74 1.07 34.38
C PHE E 63 -9.55 1.99 34.64
N SER E 64 -8.34 1.46 34.44
CA SER E 64 -7.13 2.24 34.65
C SER E 64 -6.04 1.71 33.73
N GLY E 65 -5.24 2.62 33.20
CA GLY E 65 -4.12 2.28 32.34
C GLY E 65 -2.81 2.76 32.91
N SER E 66 -1.73 2.06 32.55
CA SER E 66 -0.40 2.40 33.02
C SER E 66 0.62 1.85 32.03
N GLY E 67 1.89 2.03 32.35
CA GLY E 67 2.96 1.54 31.51
C GLY E 67 3.63 2.66 30.73
N SER E 68 4.81 2.34 30.19
CA SER E 68 5.58 3.28 29.41
C SER E 68 6.55 2.50 28.53
N GLY E 69 7.10 3.19 27.54
CA GLY E 69 8.06 2.57 26.64
C GLY E 69 7.45 1.48 25.77
N THR E 70 7.65 0.22 26.16
CA THR E 70 7.28 -0.91 25.32
C THR E 70 6.22 -1.82 25.97
N ASP E 71 5.61 -1.39 27.07
CA ASP E 71 4.67 -2.26 27.78
C ASP E 71 3.60 -1.38 28.41
N PHE E 72 2.44 -1.31 27.76
CA PHE E 72 1.30 -0.54 28.25
C PHE E 72 0.20 -1.51 28.67
N THR E 73 -0.35 -1.29 29.86
CA THR E 73 -1.29 -2.22 30.47
C THR E 73 -2.61 -1.52 30.77
N LEU E 74 -3.72 -2.16 30.38
CA LEU E 74 -5.05 -1.76 30.79
C LEU E 74 -5.53 -2.72 31.87
N THR E 75 -6.06 -2.16 32.97
CA THR E 75 -6.48 -2.95 34.11
C THR E 75 -7.96 -2.73 34.36
N ILE E 76 -8.71 -3.82 34.51
CA ILE E 76 -10.13 -3.77 34.83
C ILE E 76 -10.29 -4.50 36.16
N SER E 77 -10.16 -3.76 37.26
CA SER E 77 -10.34 -4.33 38.57
C SER E 77 -11.83 -4.41 38.90
N ARG E 78 -12.18 -5.35 39.77
CA ARG E 78 -13.58 -5.60 40.16
C ARG E 78 -14.44 -5.80 38.91
N LEU E 79 -14.14 -6.88 38.20
CA LEU E 79 -14.74 -7.12 36.89
C LEU E 79 -16.24 -7.38 37.01
N GLU E 80 -16.99 -6.91 36.02
CA GLU E 80 -18.44 -6.98 36.02
C GLU E 80 -18.94 -7.65 34.75
N PRO E 81 -20.14 -8.26 34.79
CA PRO E 81 -20.68 -8.90 33.58
C PRO E 81 -20.87 -7.94 32.42
N GLU E 82 -21.09 -6.65 32.69
CA GLU E 82 -21.26 -5.68 31.61
C GLU E 82 -19.95 -5.27 30.97
N ASP E 83 -18.81 -5.70 31.51
CA ASP E 83 -17.51 -5.41 30.91
C ASP E 83 -17.18 -6.33 29.75
N PHE E 84 -18.10 -7.22 29.37
CA PHE E 84 -17.91 -8.08 28.21
C PHE E 84 -17.78 -7.25 26.94
N ALA E 85 -16.58 -7.18 26.38
CA ALA E 85 -16.32 -6.37 25.20
C ALA E 85 -14.95 -6.75 24.66
N VAL E 86 -14.57 -6.13 23.54
CA VAL E 86 -13.23 -6.22 22.98
C VAL E 86 -12.54 -4.88 23.20
N TYR E 87 -11.31 -4.92 23.71
CA TYR E 87 -10.55 -3.71 24.03
C TYR E 87 -9.37 -3.59 23.08
N TYR E 88 -9.23 -2.42 22.48
CA TYR E 88 -8.14 -2.12 21.55
C TYR E 88 -7.23 -1.05 22.13
N CYS E 89 -5.93 -1.21 21.93
CA CYS E 89 -5.04 -0.08 22.14
C CYS E 89 -4.82 0.64 20.81
N GLN E 90 -4.43 1.92 20.91
CA GLN E 90 -4.31 2.74 19.72
C GLN E 90 -3.21 3.77 19.95
N HIS E 91 -2.44 4.03 18.89
CA HIS E 91 -1.34 4.99 18.96
C HIS E 91 -1.17 5.64 17.60
N TYR E 92 -0.32 6.66 17.57
CA TYR E 92 -0.05 7.41 16.35
C TYR E 92 1.45 7.57 16.16
N ASP E 93 1.95 7.19 14.98
CA ASP E 93 3.32 7.49 14.59
C ASP E 93 3.28 8.39 13.35
N THR E 94 3.06 7.80 12.19
CA THR E 94 2.76 8.52 10.96
C THR E 94 1.32 8.39 10.54
N SER E 95 0.53 7.56 11.22
CA SER E 95 -0.89 7.40 10.96
C SER E 95 -1.52 6.74 12.17
N PRO E 96 -2.84 6.87 12.35
CA PRO E 96 -3.50 6.18 13.47
C PRO E 96 -3.45 4.67 13.29
N ARG E 97 -3.06 3.97 14.35
CA ARG E 97 -2.92 2.52 14.30
C ARG E 97 -3.58 1.89 15.52
N PHE E 98 -4.35 0.83 15.29
CA PHE E 98 -5.02 0.07 16.32
C PHE E 98 -4.35 -1.29 16.49
N GLY E 99 -4.50 -1.85 17.69
CA GLY E 99 -4.05 -3.19 17.94
C GLY E 99 -5.08 -4.23 17.53
N GLY E 100 -4.67 -5.49 17.60
CA GLY E 100 -5.56 -6.59 17.22
C GLY E 100 -6.76 -6.74 18.14
N GLY E 101 -6.69 -6.17 19.34
CA GLY E 101 -7.78 -6.28 20.28
C GLY E 101 -7.66 -7.49 21.18
N THR E 102 -8.27 -7.38 22.36
CA THR E 102 -8.29 -8.46 23.36
C THR E 102 -9.73 -8.68 23.79
N LYS E 103 -10.22 -9.90 23.59
CA LYS E 103 -11.56 -10.27 24.02
C LYS E 103 -11.56 -10.59 25.51
N VAL E 104 -12.60 -10.12 26.20
CA VAL E 104 -12.75 -10.37 27.63
C VAL E 104 -14.04 -11.15 27.83
N ASP E 105 -13.93 -12.47 27.93
CA ASP E 105 -15.06 -13.31 28.28
C ASP E 105 -15.21 -13.37 29.79
N ILE E 106 -16.43 -13.62 30.24
CA ILE E 106 -16.77 -13.56 31.66
C ILE E 106 -17.30 -14.92 32.08
N LYS E 107 -16.55 -15.58 32.98
CA LYS E 107 -16.97 -16.88 33.50
C LYS E 107 -18.18 -16.71 34.42
N ARG E 108 -18.96 -17.78 34.54
CA ARG E 108 -20.11 -17.77 35.43
C ARG E 108 -20.51 -19.21 35.73
N THR E 109 -21.45 -19.36 36.65
CA THR E 109 -21.89 -20.69 37.06
C THR E 109 -22.64 -21.39 35.93
N VAL E 110 -22.63 -22.72 35.98
CA VAL E 110 -23.33 -23.51 34.97
C VAL E 110 -24.82 -23.18 35.02
N ALA E 111 -25.43 -23.08 33.84
CA ALA E 111 -26.84 -22.73 33.72
C ALA E 111 -27.49 -23.64 32.70
N ALA E 112 -28.52 -24.38 33.11
CA ALA E 112 -29.23 -25.24 32.18
C ALA E 112 -30.09 -24.40 31.25
N PRO E 113 -30.25 -24.80 29.99
CA PRO E 113 -31.04 -23.99 29.06
C PRO E 113 -32.53 -24.28 29.16
N SER E 114 -33.32 -23.22 29.01
CA SER E 114 -34.76 -23.33 28.88
C SER E 114 -35.09 -23.54 27.40
N VAL E 115 -35.78 -24.63 27.10
CA VAL E 115 -36.01 -25.02 25.71
C VAL E 115 -37.44 -24.70 25.32
N PHE E 116 -37.60 -24.13 24.13
CA PHE E 116 -38.90 -23.81 23.54
C PHE E 116 -38.87 -24.21 22.08
N ILE E 117 -39.96 -24.81 21.61
CA ILE E 117 -40.11 -25.19 20.21
C ILE E 117 -41.26 -24.39 19.61
N PHE E 118 -41.11 -24.00 18.34
CA PHE E 118 -42.07 -23.13 17.68
C PHE E 118 -42.49 -23.77 16.37
N PRO E 119 -43.78 -24.04 16.15
CA PRO E 119 -44.23 -24.54 14.85
C PRO E 119 -44.17 -23.44 13.81
N PRO E 120 -44.16 -23.80 12.53
CA PRO E 120 -44.21 -22.77 11.50
C PRO E 120 -45.58 -22.09 11.46
N SER E 121 -45.59 -20.84 11.03
CA SER E 121 -46.83 -20.11 10.90
C SER E 121 -47.60 -20.57 9.67
N ASP E 122 -48.93 -20.55 9.78
CA ASP E 122 -49.77 -20.81 8.61
C ASP E 122 -49.50 -19.80 7.51
N GLU E 123 -49.15 -18.57 7.88
CA GLU E 123 -48.81 -17.56 6.88
C GLU E 123 -47.61 -18.00 6.05
N GLN E 124 -46.57 -18.54 6.70
CA GLN E 124 -45.41 -19.01 5.96
C GLN E 124 -45.74 -20.28 5.18
N LEU E 125 -46.57 -21.16 5.76
CA LEU E 125 -46.94 -22.40 5.09
C LEU E 125 -47.65 -22.13 3.77
N LYS E 126 -48.48 -21.09 3.73
CA LYS E 126 -49.11 -20.73 2.46
C LYS E 126 -48.08 -20.36 1.40
N SER E 127 -46.92 -19.86 1.82
CA SER E 127 -45.86 -19.55 0.86
C SER E 127 -45.19 -20.79 0.31
N GLY E 128 -45.33 -21.93 0.98
CA GLY E 128 -44.73 -23.17 0.54
C GLY E 128 -43.50 -23.61 1.29
N THR E 129 -43.22 -23.02 2.45
CA THR E 129 -42.06 -23.39 3.24
C THR E 129 -42.46 -23.45 4.71
N ALA E 130 -41.82 -24.36 5.45
CA ALA E 130 -42.06 -24.53 6.87
C ALA E 130 -40.73 -24.37 7.60
N SER E 131 -40.68 -23.42 8.53
CA SER E 131 -39.52 -23.20 9.38
C SER E 131 -39.90 -23.55 10.81
N VAL E 132 -39.30 -24.60 11.35
CA VAL E 132 -39.47 -24.98 12.75
C VAL E 132 -38.26 -24.49 13.53
N VAL E 133 -38.51 -23.77 14.62
CA VAL E 133 -37.45 -23.10 15.36
C VAL E 133 -37.41 -23.65 16.78
N CYS E 134 -36.21 -24.03 17.22
CA CYS E 134 -35.96 -24.51 18.56
C CYS E 134 -35.09 -23.50 19.29
N LEU E 135 -35.50 -23.12 20.49
CA LEU E 135 -34.83 -22.05 21.23
C LEU E 135 -34.20 -22.63 22.50
N LEU E 136 -32.90 -22.41 22.65
CA LEU E 136 -32.17 -22.67 23.89
C LEU E 136 -31.85 -21.31 24.51
N ASN E 137 -32.42 -21.04 25.68
CA ASN E 137 -32.44 -19.70 26.26
C ASN E 137 -31.66 -19.68 27.56
N ASN E 138 -30.66 -18.79 27.63
CA ASN E 138 -29.93 -18.43 28.86
C ASN E 138 -29.28 -19.65 29.51
N PHE E 139 -28.16 -20.06 28.90
CA PHE E 139 -27.38 -21.19 29.38
C PHE E 139 -25.90 -20.83 29.37
N TYR E 140 -25.09 -21.71 29.98
CA TYR E 140 -23.65 -21.56 30.10
C TYR E 140 -23.05 -22.88 30.57
N PRO E 141 -21.98 -23.38 29.94
CA PRO E 141 -21.24 -22.72 28.85
C PRO E 141 -21.86 -22.90 27.47
N ARG E 142 -21.15 -22.45 26.43
CA ARG E 142 -21.71 -22.42 25.09
C ARG E 142 -21.96 -23.82 24.54
N GLU E 143 -21.19 -24.81 24.97
CA GLU E 143 -21.31 -26.17 24.44
C GLU E 143 -22.70 -26.74 24.66
N ALA E 144 -23.44 -26.95 23.57
CA ALA E 144 -24.77 -27.52 23.63
C ALA E 144 -25.04 -28.26 22.33
N LYS E 145 -25.73 -29.39 22.44
CA LYS E 145 -26.08 -30.23 21.29
C LYS E 145 -27.58 -30.19 21.07
N VAL E 146 -27.98 -29.90 19.83
CA VAL E 146 -29.40 -29.83 19.45
C VAL E 146 -29.63 -30.87 18.36
N GLN E 147 -30.59 -31.76 18.59
CA GLN E 147 -30.95 -32.80 17.62
C GLN E 147 -32.41 -32.64 17.24
N TRP E 148 -32.69 -32.59 15.94
CA TRP E 148 -34.05 -32.59 15.43
C TRP E 148 -34.53 -34.02 15.18
N LYS E 149 -35.75 -34.31 15.60
CA LYS E 149 -36.37 -35.61 15.37
C LYS E 149 -37.76 -35.39 14.80
N VAL E 150 -37.95 -35.78 13.54
CA VAL E 150 -39.24 -35.68 12.87
C VAL E 150 -39.85 -37.07 12.81
N ASP E 151 -40.99 -37.25 13.47
CA ASP E 151 -41.61 -38.57 13.64
C ASP E 151 -40.61 -39.57 14.22
N ASN E 152 -39.83 -39.11 15.19
CA ASN E 152 -38.84 -39.89 15.92
C ASN E 152 -37.67 -40.33 15.03
N ALA E 153 -37.45 -39.64 13.92
CA ALA E 153 -36.34 -39.93 13.02
C ALA E 153 -35.36 -38.76 13.07
N LEU E 154 -34.10 -39.07 13.38
CA LEU E 154 -33.09 -38.03 13.54
C LEU E 154 -32.84 -37.33 12.21
N GLN E 155 -32.93 -36.01 12.22
CA GLN E 155 -32.74 -35.21 11.01
C GLN E 155 -31.29 -34.77 10.88
N SER E 156 -30.83 -34.67 9.62
CA SER E 156 -29.46 -34.27 9.33
C SER E 156 -29.43 -33.50 8.02
N GLY E 157 -28.79 -32.33 8.04
CA GLY E 157 -28.56 -31.57 6.84
C GLY E 157 -29.65 -30.63 6.42
N ASN E 158 -30.55 -30.25 7.34
CA ASN E 158 -31.63 -29.34 7.01
C ASN E 158 -31.95 -28.44 8.19
N SER E 159 -30.92 -28.05 8.94
CA SER E 159 -31.08 -27.16 10.07
C SER E 159 -29.83 -26.32 10.24
N GLN E 160 -30.02 -25.05 10.62
CA GLN E 160 -28.94 -24.12 10.89
C GLN E 160 -29.10 -23.55 12.30
N GLU E 161 -27.98 -23.31 12.95
CA GLU E 161 -27.95 -22.79 14.31
C GLU E 161 -27.39 -21.38 14.35
N SER E 162 -27.68 -20.68 15.44
CA SER E 162 -27.19 -19.32 15.66
C SER E 162 -27.07 -19.11 17.16
N VAL E 163 -25.93 -18.60 17.60
CA VAL E 163 -25.65 -18.39 19.02
CA VAL E 163 -25.65 -18.39 19.02
C VAL E 163 -25.43 -16.91 19.26
N THR E 164 -26.00 -16.41 20.36
CA THR E 164 -25.79 -15.01 20.73
C THR E 164 -24.46 -14.85 21.45
N GLU E 165 -24.03 -13.59 21.57
CA GLU E 165 -22.88 -13.28 22.39
C GLU E 165 -23.23 -13.48 23.86
N GLN E 166 -22.21 -13.39 24.71
CA GLN E 166 -22.43 -13.49 26.14
C GLN E 166 -23.29 -12.32 26.61
N ASP E 167 -24.33 -12.63 27.39
CA ASP E 167 -25.26 -11.60 27.82
C ASP E 167 -24.56 -10.57 28.70
N SER E 168 -24.86 -9.30 28.45
CA SER E 168 -24.20 -8.23 29.20
C SER E 168 -24.67 -8.12 30.64
N LYS E 169 -25.63 -8.94 31.06
CA LYS E 169 -26.14 -8.87 32.43
C LYS E 169 -25.97 -10.16 33.20
N ASP E 170 -26.30 -11.31 32.60
CA ASP E 170 -26.14 -12.59 33.28
C ASP E 170 -25.05 -13.47 32.67
N SER E 171 -24.39 -13.01 31.61
CA SER E 171 -23.25 -13.69 31.01
C SER E 171 -23.60 -15.08 30.47
N THR E 172 -24.83 -15.25 29.99
CA THR E 172 -25.26 -16.52 29.44
C THR E 172 -25.40 -16.41 27.92
N TYR E 173 -25.51 -17.57 27.28
CA TYR E 173 -25.71 -17.68 25.84
C TYR E 173 -27.14 -18.09 25.55
N SER E 174 -27.54 -17.87 24.30
CA SER E 174 -28.83 -18.32 23.80
C SER E 174 -28.64 -18.83 22.39
N LEU E 175 -29.37 -19.89 22.03
CA LEU E 175 -29.19 -20.56 20.75
C LEU E 175 -30.54 -20.77 20.09
N SER E 176 -30.59 -20.58 18.77
CA SER E 176 -31.77 -20.85 17.97
C SER E 176 -31.40 -21.80 16.85
N SER E 177 -32.06 -22.95 16.80
CA SER E 177 -31.89 -23.91 15.71
C SER E 177 -33.15 -23.89 14.86
N THR E 178 -32.98 -23.63 13.57
CA THR E 178 -34.10 -23.52 12.64
C THR E 178 -34.08 -24.72 11.70
N LEU E 179 -35.09 -25.57 11.81
CA LEU E 179 -35.32 -26.66 10.87
C LEU E 179 -36.17 -26.14 9.71
N THR E 180 -35.74 -26.42 8.48
CA THR E 180 -36.42 -25.91 7.29
C THR E 180 -36.85 -27.07 6.41
N LEU E 181 -38.16 -27.13 6.12
CA LEU E 181 -38.74 -28.11 5.22
C LEU E 181 -39.64 -27.40 4.22
N SER E 182 -40.02 -28.13 3.18
CA SER E 182 -41.06 -27.66 2.29
C SER E 182 -42.43 -27.90 2.91
N LYS E 183 -43.43 -27.18 2.41
CA LYS E 183 -44.80 -27.40 2.90
C LYS E 183 -45.24 -28.82 2.64
N ALA E 184 -44.92 -29.37 1.46
CA ALA E 184 -45.28 -30.74 1.14
C ALA E 184 -44.62 -31.72 2.10
N ASP E 185 -43.33 -31.51 2.40
CA ASP E 185 -42.65 -32.38 3.35
C ASP E 185 -43.16 -32.16 4.77
N TYR E 186 -43.56 -30.93 5.09
CA TYR E 186 -44.00 -30.66 6.46
C TYR E 186 -45.32 -31.34 6.77
N GLU E 187 -46.22 -31.42 5.79
CA GLU E 187 -47.49 -32.09 6.01
C GLU E 187 -47.36 -33.60 6.08
N LYS E 188 -46.28 -34.17 5.54
CA LYS E 188 -46.08 -35.60 5.52
C LYS E 188 -45.80 -36.19 6.90
N HIS E 189 -45.54 -35.35 7.90
CA HIS E 189 -45.16 -35.82 9.23
C HIS E 189 -46.02 -35.14 10.29
N LYS E 190 -46.02 -35.71 11.48
CA LYS E 190 -46.90 -35.25 12.56
C LYS E 190 -46.14 -34.71 13.75
N VAL E 191 -45.15 -35.45 14.26
CA VAL E 191 -44.45 -35.06 15.48
C VAL E 191 -43.14 -34.37 15.10
N TYR E 192 -42.95 -33.16 15.62
CA TYR E 192 -41.73 -32.39 15.43
C TYR E 192 -41.12 -32.11 16.79
N ALA E 193 -39.84 -32.47 16.97
CA ALA E 193 -39.21 -32.39 18.27
C ALA E 193 -37.74 -32.04 18.12
N CYS E 194 -37.24 -31.25 19.08
CA CYS E 194 -35.81 -30.98 19.19
CA CYS E 194 -35.81 -30.99 19.19
C CYS E 194 -35.33 -31.43 20.57
N GLU E 195 -34.26 -32.22 20.59
CA GLU E 195 -33.69 -32.73 21.84
C GLU E 195 -32.44 -31.96 22.18
N VAL E 196 -32.30 -31.60 23.45
CA VAL E 196 -31.24 -30.73 23.93
C VAL E 196 -30.44 -31.47 24.99
N THR E 197 -29.12 -31.55 24.78
CA THR E 197 -28.20 -32.08 25.79
C THR E 197 -27.25 -30.95 26.18
N HIS E 198 -27.12 -30.71 27.48
CA HIS E 198 -26.26 -29.65 27.98
C HIS E 198 -25.68 -30.08 29.31
N GLN E 199 -24.53 -29.50 29.66
CA GLN E 199 -23.85 -29.85 30.90
C GLN E 199 -24.75 -29.62 32.11
N GLY E 200 -25.54 -28.54 32.09
CA GLY E 200 -26.47 -28.26 33.15
C GLY E 200 -27.71 -29.13 33.17
N LEU E 201 -27.81 -30.10 32.27
CA LEU E 201 -28.95 -31.02 32.21
C LEU E 201 -28.47 -32.41 32.56
N SER E 202 -29.08 -33.02 33.58
CA SER E 202 -28.72 -34.39 33.95
C SER E 202 -29.12 -35.39 32.88
N SER E 203 -30.17 -35.09 32.12
CA SER E 203 -30.64 -35.95 31.04
C SER E 203 -31.15 -35.07 29.92
N PRO E 204 -31.10 -35.55 28.67
CA PRO E 204 -31.51 -34.70 27.54
C PRO E 204 -32.96 -34.28 27.63
N VAL E 205 -33.20 -33.00 27.33
CA VAL E 205 -34.54 -32.42 27.34
C VAL E 205 -35.07 -32.37 25.92
N THR E 206 -36.30 -32.81 25.73
CA THR E 206 -36.95 -32.82 24.43
C THR E 206 -38.22 -31.98 24.47
N LYS E 207 -38.36 -31.07 23.52
CA LYS E 207 -39.57 -30.27 23.34
C LYS E 207 -40.19 -30.64 22.01
N SER E 208 -41.51 -30.86 21.99
CA SER E 208 -42.16 -31.37 20.79
C SER E 208 -43.55 -30.80 20.65
N PHE E 209 -44.08 -30.91 19.43
CA PHE E 209 -45.47 -30.58 19.15
C PHE E 209 -45.96 -31.49 18.04
N ASN E 210 -47.27 -31.69 17.99
CA ASN E 210 -47.92 -32.47 16.94
C ASN E 210 -48.53 -31.52 15.92
N ARG E 211 -48.17 -31.69 14.65
CA ARG E 211 -48.70 -30.85 13.60
C ARG E 211 -50.22 -30.97 13.54
N GLY E 212 -50.91 -29.83 13.63
CA GLY E 212 -52.34 -29.77 13.64
C GLY E 212 -52.96 -29.68 15.03
N GLU E 213 -52.24 -30.17 16.04
CA GLU E 213 -52.73 -30.11 17.42
C GLU E 213 -52.19 -28.88 18.13
S SO4 F . 29.08 24.24 -19.20
O1 SO4 F . 30.20 23.34 -18.93
O2 SO4 F . 27.92 23.83 -18.41
O3 SO4 F . 29.45 25.60 -18.83
O4 SO4 F . 28.75 24.19 -20.62
C1 GOL G . 13.35 10.41 11.56
O1 GOL G . 12.41 9.38 11.43
C2 GOL G . 14.15 10.50 10.22
O2 GOL G . 13.47 9.93 9.15
C3 GOL G . 14.40 12.03 10.02
O3 GOL G . 15.08 12.16 8.81
C1 NAG H . 29.68 25.08 15.41
C2 NAG H . 30.17 25.66 14.08
C3 NAG H . 31.22 24.74 13.45
C4 NAG H . 32.34 24.45 14.46
C5 NAG H . 31.75 23.89 15.74
C6 NAG H . 32.79 23.66 16.82
C7 NAG H . 28.99 26.88 12.32
C8 NAG H . 27.78 26.91 11.43
N2 NAG H . 29.06 25.85 13.16
O3 NAG H . 31.76 25.36 12.30
O4 NAG H . 33.24 23.50 13.90
O5 NAG H . 30.80 24.83 16.28
O6 NAG H . 32.18 23.20 18.02
O7 NAG H . 29.86 27.74 12.26
S SO4 I . -24.66 22.54 16.59
O1 SO4 I . -25.07 23.26 17.80
O2 SO4 I . -25.27 21.22 16.58
O3 SO4 I . -25.10 23.29 15.41
O4 SO4 I . -23.21 22.42 16.56
S SO4 J . -4.57 33.91 8.12
O1 SO4 J . -4.29 34.21 9.52
O2 SO4 J . -6.02 33.96 7.90
O3 SO4 J . -3.93 34.90 7.27
O4 SO4 J . -4.08 32.58 7.79
S SO4 K . 6.72 9.05 29.24
O1 SO4 K . 7.18 7.86 28.53
O2 SO4 K . 5.98 8.65 30.44
O3 SO4 K . 5.83 9.81 28.36
O4 SO4 K . 7.86 9.87 29.62
S SO4 L . 19.67 46.15 4.02
O1 SO4 L . 21.00 46.03 4.59
O2 SO4 L . 18.68 45.80 5.04
O3 SO4 L . 19.44 47.52 3.58
O4 SO4 L . 19.54 45.23 2.89
C1 PEG M . -29.05 5.36 3.29
O1 PEG M . -28.83 4.82 1.99
C2 PEG M . -29.74 4.38 4.19
O2 PEG M . -28.78 3.60 4.88
C3 PEG M . -29.00 2.20 4.74
C4 PEG M . -28.20 1.46 5.76
O4 PEG M . -28.03 0.09 5.39
C1 GOL N . -1.23 14.64 13.97
O1 GOL N . -2.39 15.42 14.06
C2 GOL N . -0.26 15.16 15.06
O2 GOL N . -0.86 15.20 16.31
C3 GOL N . 0.97 14.21 15.01
O3 GOL N . 1.75 14.57 13.91
S SO4 O . -13.09 -8.44 -5.17
O1 SO4 O . -12.53 -7.89 -3.94
O2 SO4 O . -14.54 -8.49 -5.07
O3 SO4 O . -12.71 -7.59 -6.30
O4 SO4 O . -12.56 -9.79 -5.38
S SO4 P . -53.62 -34.94 9.32
O1 SO4 P . -53.46 -34.10 10.51
O2 SO4 P . -55.05 -35.12 9.06
O3 SO4 P . -53.01 -34.29 8.17
O4 SO4 P . -53.00 -36.23 9.55
S SO4 Q . -5.30 -16.63 23.36
O1 SO4 Q . -6.17 -17.74 23.78
O2 SO4 Q . -5.78 -15.39 23.98
O3 SO4 Q . -5.36 -16.50 21.91
O4 SO4 Q . -3.93 -16.88 23.79
S SO4 R . 8.45 -8.06 22.55
O1 SO4 R . 7.71 -8.10 23.81
O2 SO4 R . 8.69 -9.43 22.09
O3 SO4 R . 9.73 -7.39 22.75
O4 SO4 R . 7.66 -7.35 21.55
S SO4 S . -15.33 -16.81 22.49
O1 SO4 S . -14.84 -17.77 23.47
O2 SO4 S . -16.58 -16.22 22.98
O3 SO4 S . -14.33 -15.75 22.32
O4 SO4 S . -15.56 -17.48 21.22
S SO4 T . -21.81 1.45 27.73
O1 SO4 T . -21.23 1.01 29.00
O2 SO4 T . -22.94 0.59 27.38
O3 SO4 T . -22.26 2.83 27.84
O4 SO4 T . -20.79 1.35 26.68
S SO4 U . -50.60 -17.54 11.87
O1 SO4 U . -50.48 -17.14 13.28
O2 SO4 U . -52.02 -17.64 11.52
O3 SO4 U . -49.94 -16.56 11.02
O4 SO4 U . -49.97 -18.85 11.69
S SO4 V . -16.71 1.25 40.20
O1 SO4 V . -16.10 1.21 41.53
O2 SO4 V . -18.14 0.97 40.31
O3 SO4 V . -16.51 2.56 39.60
O4 SO4 V . -16.08 0.22 39.37
S SO4 W . -8.99 -3.54 44.72
O1 SO4 W . -8.08 -3.27 45.83
O2 SO4 W . -10.34 -3.14 45.10
O3 SO4 W . -8.57 -2.78 43.55
O4 SO4 W . -8.97 -4.97 44.41
S SO4 X . -19.14 -5.33 16.89
O1 SO4 X . -18.03 -5.95 17.62
O2 SO4 X . -20.32 -6.18 16.99
O3 SO4 X . -19.43 -4.02 17.47
O4 SO4 X . -18.77 -5.16 15.49
#